data_7RAD
#
_entry.id   7RAD
#
_cell.length_a   101.127
_cell.length_b   101.127
_cell.length_c   185.520
_cell.angle_alpha   90.000
_cell.angle_beta   90.000
_cell.angle_gamma   120.000
#
_symmetry.space_group_name_H-M   'P 32 2 1'
#
loop_
_entity.id
_entity.type
_entity.pdbx_description
1 polymer 'Aldehyde dehydrogenase X, mitochondrial'
2 non-polymer NICOTINAMIDE-ADENINE-DINUCLEOTIDE
3 non-polymer 3-(2-methoxyphenyl)-1-(4-phenylphenyl)-6,7,8,9-tetrahydro-5~{H}-imidazo[1,2-a][1,3]diazepine
4 non-polymer 'SODIUM ION'
5 non-polymer 1,2-ETHANEDIOL
6 water water
#
_entity_poly.entity_id   1
_entity_poly.type   'polypeptide(L)'
_entity_poly.pdbx_seq_one_letter_code
;LPSPILNPDIPYNQLFINNEWQDAVSKKTFPTVNPTTGEVIGHVAEGDRADVDRAVKAAREAFRLGSPWRRMDASERGRL
LNRLADLVERDRVYLASLETLDNGKPFQESYALDLDEVIKVYRYFAGWADKWHGKTIPMDGQHFCFTRHEPVGVCGQIIP
WNFPLVMQGWKLAPALATGNTVVMKVAEQTPLSALYLASLIKEAGFPPGVVNIITGYGPTAGAAIAQHMDVDKVAFTGST
EVGHLIQKAAGDSNLKRVTLELGGKSPSIVLADADMEHAVEQCHEALFFNMGQCCCAGSRTFVEESIYNEFLERTVEKAK
QRKVGNPFELDTQQGPQVDKEQFERVLGYIQLGQKEGAKLLCGGERFGERGFFIKPTVFGGVQDDMRIAKEEIFGPVQPL
FKFKKIEEVVERANNTRYGLAAAVFTRDLDKAMYFTQALQAGTVWVNTYNIVTCHTPFGGFKESGNGRELGEDGLKAYTE
VKTVTIKVPQKNS
;
_entity_poly.pdbx_strand_id   A,B
#
loop_
_chem_comp.id
_chem_comp.type
_chem_comp.name
_chem_comp.formula
EDO non-polymer 1,2-ETHANEDIOL 'C2 H6 O2'
NA non-polymer 'SODIUM ION' 'Na 1'
NAD non-polymer NICOTINAMIDE-ADENINE-DINUCLEOTIDE 'C21 H27 N7 O14 P2'
ZGJ non-polymer 3-(2-methoxyphenyl)-1-(4-phenylphenyl)-6,7,8,9-tetrahydro-5~{H}-imidazo[1,2-a][1,3]diazepine 'C26 H26 N3 O 1'
#
# COMPACT_ATOMS: atom_id res chain seq x y z
N LEU A 1 -21.72 33.45 -4.64
CA LEU A 1 -22.24 34.83 -4.89
C LEU A 1 -21.72 36.04 -4.07
N PRO A 2 -20.91 35.86 -2.97
CA PRO A 2 -20.47 37.12 -2.37
C PRO A 2 -19.36 37.75 -3.22
N SER A 3 -18.96 38.97 -2.90
CA SER A 3 -17.94 39.64 -3.69
C SER A 3 -16.57 39.35 -3.06
N PRO A 4 -15.51 39.26 -3.88
CA PRO A 4 -14.22 38.91 -3.32
C PRO A 4 -13.45 40.10 -2.79
N ILE A 5 -12.35 39.79 -2.12
CA ILE A 5 -11.38 40.77 -1.70
C ILE A 5 -10.34 40.81 -2.82
N LEU A 6 -10.24 41.95 -3.51
CA LEU A 6 -9.40 42.04 -4.71
C LEU A 6 -7.93 42.26 -4.35
N ASN A 7 -7.66 42.89 -3.21
CA ASN A 7 -6.30 43.06 -2.76
C ASN A 7 -6.22 42.60 -1.30
N PRO A 8 -6.23 41.27 -1.10
CA PRO A 8 -6.15 40.73 0.25
C PRO A 8 -4.79 40.95 0.87
N ASP A 9 -4.75 41.15 2.18
CA ASP A 9 -3.49 41.23 2.90
C ASP A 9 -3.00 39.80 3.00
N ILE A 10 -1.71 39.60 2.77
CA ILE A 10 -1.10 38.27 2.82
C ILE A 10 -0.05 38.26 3.94
N PRO A 11 -0.51 38.13 5.19
CA PRO A 11 0.44 38.16 6.31
C PRO A 11 1.36 36.95 6.37
N TYR A 12 0.92 35.80 5.88
CA TYR A 12 1.67 34.57 6.06
C TYR A 12 2.44 34.21 4.81
N ASN A 13 3.76 34.24 4.95
CA ASN A 13 4.66 33.87 3.87
C ASN A 13 5.91 33.12 4.32
N GLN A 14 5.84 32.47 5.49
CA GLN A 14 6.98 31.77 6.04
C GLN A 14 6.65 30.28 6.18
N LEU A 15 7.62 29.51 6.68
CA LEU A 15 7.43 28.09 7.00
C LEU A 15 6.62 27.99 8.29
N PHE A 16 5.71 27.01 8.37
CA PHE A 16 4.94 26.70 9.59
C PHE A 16 5.52 25.41 10.18
N ILE A 17 6.23 25.55 11.31
CA ILE A 17 6.90 24.44 11.97
C ILE A 17 6.73 24.57 13.47
N ASN A 18 6.21 23.50 14.09
CA ASN A 18 5.98 23.46 15.54
C ASN A 18 5.13 24.64 16.03
N ASN A 19 4.16 25.03 15.23
CA ASN A 19 3.25 26.19 15.45
C ASN A 19 3.90 27.58 15.39
N GLU A 20 5.07 27.68 14.77
CA GLU A 20 5.84 28.91 14.72
C GLU A 20 6.18 29.26 13.27
N TRP A 21 5.93 30.54 12.92
CA TRP A 21 6.29 31.06 11.61
C TRP A 21 7.79 31.26 11.56
N GLN A 22 8.40 30.79 10.47
CA GLN A 22 9.81 30.45 10.42
C GLN A 22 10.40 30.71 9.05
N ASP A 23 11.55 31.39 8.98
CA ASP A 23 12.29 31.51 7.70
C ASP A 23 13.03 30.20 7.43
N ALA A 24 13.27 29.90 6.16
CA ALA A 24 14.21 28.84 5.79
C ALA A 24 15.53 29.05 6.53
N VAL A 25 16.26 27.97 6.84
CA VAL A 25 17.60 28.09 7.47
C VAL A 25 18.50 28.99 6.61
N SER A 26 18.42 28.80 5.29
CA SER A 26 19.20 29.55 4.32
C SER A 26 18.81 31.02 4.20
N LYS A 27 17.69 31.40 4.82
CA LYS A 27 17.04 32.71 4.67
C LYS A 27 16.56 33.01 3.25
N LYS A 28 16.66 32.04 2.34
CA LYS A 28 16.29 32.25 0.96
C LYS A 28 14.77 32.29 0.86
N THR A 29 14.32 32.99 -0.17
CA THR A 29 12.91 33.13 -0.51
C THR A 29 12.75 32.86 -2.01
N PHE A 30 11.51 32.73 -2.45
CA PHE A 30 11.23 32.59 -3.88
C PHE A 30 9.87 33.22 -4.17
N PRO A 31 9.69 33.79 -5.37
CA PRO A 31 8.47 34.53 -5.64
C PRO A 31 7.34 33.62 -6.09
N THR A 32 6.10 34.03 -5.81
CA THR A 32 4.92 33.46 -6.50
C THR A 32 4.29 34.53 -7.34
N VAL A 33 3.94 34.13 -8.56
CA VAL A 33 3.45 34.98 -9.62
C VAL A 33 1.93 34.81 -9.82
N ASN A 34 1.21 35.92 -9.80
CA ASN A 34 -0.20 36.01 -10.19
C ASN A 34 -0.32 35.70 -11.68
N PRO A 35 -0.98 34.59 -12.05
CA PRO A 35 -1.06 34.20 -13.45
C PRO A 35 -2.01 35.03 -14.32
N THR A 36 -2.88 35.85 -13.72
CA THR A 36 -3.78 36.65 -14.55
C THR A 36 -3.07 37.91 -15.06
N THR A 37 -2.09 38.42 -14.32
CA THR A 37 -1.30 39.61 -14.71
C THR A 37 0.18 39.38 -15.07
N GLY A 38 0.77 38.26 -14.64
CA GLY A 38 2.19 37.96 -14.88
C GLY A 38 3.15 38.60 -13.87
N GLU A 39 2.59 39.22 -12.82
CA GLU A 39 3.34 40.02 -11.84
C GLU A 39 3.50 39.31 -10.51
N VAL A 40 4.56 39.68 -9.81
CA VAL A 40 4.99 38.98 -8.62
C VAL A 40 4.10 39.45 -7.49
N ILE A 41 3.34 38.53 -6.90
CA ILE A 41 2.48 38.84 -5.74
C ILE A 41 3.33 39.09 -4.49
N GLY A 42 4.32 38.22 -4.28
CA GLY A 42 5.21 38.31 -3.12
C GLY A 42 6.14 37.12 -3.03
N HIS A 43 6.89 37.09 -1.93
CA HIS A 43 7.90 36.05 -1.71
C HIS A 43 7.58 35.20 -0.50
N VAL A 44 7.80 33.89 -0.63
CA VAL A 44 7.66 32.95 0.50
C VAL A 44 8.98 32.28 0.77
N ALA A 45 9.14 31.72 1.98
CA ALA A 45 10.36 31.01 2.35
C ALA A 45 10.62 29.84 1.42
N GLU A 46 11.89 29.65 1.05
CA GLU A 46 12.32 28.54 0.20
C GLU A 46 12.91 27.46 1.09
N GLY A 47 12.06 26.56 1.56
CA GLY A 47 12.51 25.46 2.39
C GLY A 47 13.28 24.46 1.59
N ASP A 48 14.29 23.86 2.22
CA ASP A 48 15.13 22.83 1.60
C ASP A 48 15.23 21.69 2.63
N ARG A 49 16.11 20.72 2.40
CA ARG A 49 16.25 19.53 3.24
C ARG A 49 16.39 19.82 4.74
N ALA A 50 17.18 20.84 5.09
CA ALA A 50 17.43 21.19 6.47
C ALA A 50 16.17 21.67 7.19
N ASP A 51 15.23 22.22 6.43
CA ASP A 51 13.97 22.70 6.97
C ASP A 51 12.97 21.56 7.10
N VAL A 52 12.95 20.66 6.12
CA VAL A 52 12.22 19.39 6.25
C VAL A 52 12.68 18.63 7.53
N ASP A 53 13.98 18.63 7.81
CA ASP A 53 14.51 17.94 9.01
C ASP A 53 13.96 18.52 10.29
N ARG A 54 13.91 19.85 10.39
CA ARG A 54 13.32 20.51 11.55
C ARG A 54 11.82 20.17 11.64
N ALA A 55 11.14 20.10 10.50
CA ALA A 55 9.70 19.82 10.46
C ALA A 55 9.43 18.38 10.88
N VAL A 56 10.20 17.44 10.34
CA VAL A 56 10.10 16.03 10.71
C VAL A 56 10.43 15.80 12.18
N LYS A 57 11.45 16.48 12.68
CA LYS A 57 11.80 16.34 14.08
C LYS A 57 10.63 16.78 14.97
N ALA A 58 9.98 17.91 14.65
CA ALA A 58 8.84 18.41 15.43
C ALA A 58 7.60 17.50 15.39
N ALA A 59 7.28 16.98 14.20
CA ALA A 59 6.17 16.06 14.00
C ALA A 59 6.38 14.72 14.67
N ARG A 60 7.65 14.32 14.78
CA ARG A 60 8.07 13.12 15.50
C ARG A 60 7.85 13.28 17.02
N GLU A 61 8.25 14.43 17.55
CA GLU A 61 8.04 14.76 18.97
C GLU A 61 6.56 14.82 19.33
N ALA A 62 5.78 15.37 18.42
CA ALA A 62 4.33 15.40 18.58
C ALA A 62 3.69 14.01 18.50
N PHE A 63 4.32 13.06 17.79
CA PHE A 63 3.78 11.69 17.68
C PHE A 63 4.24 10.73 18.78
N ARG A 64 5.08 11.17 19.72
CA ARG A 64 5.68 10.19 20.63
C ARG A 64 4.69 9.74 21.70
N LEU A 65 4.82 8.46 22.08
CA LEU A 65 4.02 7.87 23.14
C LEU A 65 3.86 8.83 24.31
N GLY A 66 2.62 9.10 24.71
CA GLY A 66 2.33 10.04 25.77
C GLY A 66 2.34 11.51 25.40
N SER A 67 2.43 11.86 24.12
CA SER A 67 2.31 13.27 23.72
C SER A 67 0.86 13.69 23.85
N PRO A 68 0.61 15.00 23.90
CA PRO A 68 -0.77 15.45 23.84
C PRO A 68 -1.59 14.90 22.66
N TRP A 69 -0.97 14.77 21.50
CA TRP A 69 -1.70 14.33 20.31
C TRP A 69 -2.06 12.87 20.35
N ARG A 70 -1.23 12.09 21.01
CA ARG A 70 -1.42 10.65 21.09
C ARG A 70 -2.39 10.25 22.19
N ARG A 71 -2.45 11.08 23.25
CA ARG A 71 -3.25 10.82 24.42
C ARG A 71 -4.63 11.41 24.33
N MET A 72 -4.86 12.39 23.45
CA MET A 72 -6.18 13.00 23.45
C MET A 72 -7.21 11.99 22.93
N ASP A 73 -8.44 12.12 23.42
CA ASP A 73 -9.54 11.28 22.92
C ASP A 73 -9.61 11.42 21.40
N ALA A 74 -9.96 10.34 20.73
CA ALA A 74 -10.21 10.38 19.30
C ALA A 74 -11.22 11.46 18.95
N SER A 75 -12.25 11.58 19.79
CA SER A 75 -13.28 12.60 19.62
C SER A 75 -12.76 14.05 19.69
N GLU A 76 -11.69 14.29 20.45
CA GLU A 76 -11.05 15.62 20.52
C GLU A 76 -10.32 15.91 19.21
N ARG A 77 -9.75 14.88 18.58
CA ARG A 77 -9.24 15.05 17.21
C ARG A 77 -10.38 15.42 16.24
N GLY A 78 -11.56 14.82 16.42
CA GLY A 78 -12.78 15.21 15.71
C GLY A 78 -13.17 16.67 15.92
N ARG A 79 -13.29 17.09 17.17
CA ARG A 79 -13.67 18.48 17.47
C ARG A 79 -12.69 19.48 16.87
N LEU A 80 -11.40 19.16 16.92
CA LEU A 80 -10.38 20.05 16.35
C LEU A 80 -10.57 20.23 14.82
N LEU A 81 -10.76 19.10 14.15
CA LEU A 81 -11.08 19.09 12.72
C LEU A 81 -12.34 19.87 12.41
N ASN A 82 -13.35 19.73 13.27
CA ASN A 82 -14.62 20.42 13.10
C ASN A 82 -14.46 21.94 13.30
N ARG A 83 -13.67 22.33 14.28
CA ARG A 83 -13.41 23.74 14.53
C ARG A 83 -12.66 24.35 13.34
N LEU A 84 -11.73 23.58 12.77
CA LEU A 84 -10.99 24.02 11.60
C LEU A 84 -11.97 24.32 10.46
N ALA A 85 -12.89 23.40 10.22
CA ALA A 85 -13.98 23.64 9.28
C ALA A 85 -14.67 24.97 9.57
N ASP A 86 -15.09 25.18 10.81
CA ASP A 86 -15.75 26.43 11.22
C ASP A 86 -14.90 27.68 10.90
N LEU A 87 -13.59 27.61 11.19
CA LEU A 87 -12.67 28.69 10.83
C LEU A 87 -12.55 28.90 9.30
N VAL A 88 -12.52 27.82 8.53
CA VAL A 88 -12.47 27.95 7.07
C VAL A 88 -13.72 28.67 6.55
N GLU A 89 -14.88 28.24 7.03
CA GLU A 89 -16.16 28.87 6.70
C GLU A 89 -16.18 30.35 7.10
N ARG A 90 -15.74 30.65 8.31
CA ARG A 90 -15.61 32.04 8.77
C ARG A 90 -14.84 32.89 7.77
N ASP A 91 -13.66 32.41 7.37
CA ASP A 91 -12.77 33.10 6.43
C ASP A 91 -12.89 32.61 4.98
N ARG A 92 -14.06 32.14 4.59
CA ARG A 92 -14.27 31.61 3.25
C ARG A 92 -14.02 32.60 2.09
N VAL A 93 -14.41 33.86 2.25
CA VAL A 93 -14.23 34.85 1.17
C VAL A 93 -12.73 35.10 0.98
N TYR A 94 -12.05 35.40 2.09
CA TYR A 94 -10.61 35.59 2.08
C TYR A 94 -9.91 34.42 1.41
N LEU A 95 -10.17 33.21 1.88
CA LEU A 95 -9.45 32.03 1.40
C LEU A 95 -9.66 31.78 -0.08
N ALA A 96 -10.91 31.90 -0.53
CA ALA A 96 -11.25 31.71 -1.93
C ALA A 96 -10.66 32.83 -2.79
N SER A 97 -10.63 34.04 -2.25
CA SER A 97 -9.99 35.15 -2.94
C SER A 97 -8.49 34.93 -3.07
N LEU A 98 -7.83 34.50 -2.01
CA LEU A 98 -6.39 34.20 -2.04
C LEU A 98 -6.06 33.08 -3.03
N GLU A 99 -6.95 32.09 -3.09
CA GLU A 99 -6.82 30.98 -4.02
C GLU A 99 -6.84 31.50 -5.46
N THR A 100 -7.82 32.34 -5.77
CA THR A 100 -7.92 32.92 -7.11
C THR A 100 -6.69 33.79 -7.45
N LEU A 101 -6.23 34.60 -6.50
CA LEU A 101 -5.03 35.40 -6.70
C LEU A 101 -3.81 34.53 -7.12
N ASP A 102 -3.52 33.49 -6.34
CA ASP A 102 -2.34 32.65 -6.49
C ASP A 102 -2.46 31.55 -7.57
N ASN A 103 -3.66 30.99 -7.75
CA ASN A 103 -3.87 29.88 -8.69
C ASN A 103 -4.38 30.35 -10.02
N GLY A 104 -5.26 31.35 -10.00
CA GLY A 104 -5.91 31.86 -11.19
C GLY A 104 -7.27 31.25 -11.50
N LYS A 105 -7.76 30.30 -10.71
CA LYS A 105 -9.08 29.73 -10.99
C LYS A 105 -10.16 30.78 -10.76
N PRO A 106 -11.29 30.67 -11.49
CA PRO A 106 -12.37 31.63 -11.26
C PRO A 106 -12.84 31.68 -9.78
N PHE A 107 -13.17 32.87 -9.30
CA PHE A 107 -13.65 33.05 -7.92
C PHE A 107 -14.97 32.34 -7.65
N GLN A 108 -15.85 32.24 -8.65
CA GLN A 108 -17.05 31.42 -8.49
C GLN A 108 -16.71 29.95 -8.19
N GLU A 109 -15.74 29.39 -8.93
CA GLU A 109 -15.25 28.03 -8.68
C GLU A 109 -14.60 27.97 -7.31
N SER A 110 -13.64 28.86 -7.09
CA SER A 110 -12.91 28.95 -5.85
C SER A 110 -13.84 29.03 -4.62
N TYR A 111 -14.90 29.84 -4.70
CA TYR A 111 -15.81 30.03 -3.54
C TYR A 111 -16.85 28.91 -3.39
N ALA A 112 -17.60 28.68 -4.44
CA ALA A 112 -18.75 27.77 -4.42
C ALA A 112 -18.37 26.31 -4.56
N LEU A 113 -17.23 26.01 -5.16
CA LEU A 113 -16.79 24.63 -5.30
C LEU A 113 -15.64 24.31 -4.35
N ASP A 114 -14.47 24.88 -4.60
CA ASP A 114 -13.26 24.51 -3.85
C ASP A 114 -13.48 24.63 -2.35
N LEU A 115 -13.77 25.84 -1.90
CA LEU A 115 -13.94 26.11 -0.47
C LEU A 115 -15.04 25.26 0.18
N ASP A 116 -16.12 25.04 -0.57
CA ASP A 116 -17.18 24.20 -0.10
C ASP A 116 -16.70 22.78 0.19
N GLU A 117 -15.97 22.20 -0.75
CA GLU A 117 -15.44 20.84 -0.55
C GLU A 117 -14.37 20.79 0.53
N VAL A 118 -13.59 21.86 0.66
CA VAL A 118 -12.59 21.96 1.74
C VAL A 118 -13.29 21.89 3.11
N ILE A 119 -14.34 22.68 3.25
CA ILE A 119 -15.10 22.69 4.50
C ILE A 119 -15.67 21.30 4.79
N LYS A 120 -16.22 20.66 3.76
CA LYS A 120 -16.83 19.32 3.90
C LYS A 120 -15.86 18.21 4.20
N VAL A 121 -14.68 18.23 3.58
CA VAL A 121 -13.68 17.19 3.80
C VAL A 121 -13.17 17.22 5.26
N TYR A 122 -12.93 18.42 5.79
CA TYR A 122 -12.61 18.56 7.19
C TYR A 122 -13.75 18.10 8.09
N ARG A 123 -14.97 18.54 7.82
CA ARG A 123 -16.13 18.06 8.60
C ARG A 123 -16.38 16.57 8.49
N TYR A 124 -16.18 16.03 7.31
CA TYR A 124 -16.45 14.62 7.08
C TYR A 124 -15.50 13.76 7.90
N PHE A 125 -14.20 14.03 7.83
CA PHE A 125 -13.20 13.25 8.56
C PHE A 125 -13.19 13.57 10.04
N ALA A 126 -13.69 14.76 10.41
CA ALA A 126 -13.95 15.05 11.83
C ALA A 126 -14.84 13.96 12.42
N GLY A 127 -15.87 13.56 11.67
CA GLY A 127 -16.75 12.48 12.07
C GLY A 127 -16.12 11.10 12.16
N TRP A 128 -15.17 10.79 11.30
CA TRP A 128 -14.50 9.46 11.31
C TRP A 128 -13.53 9.25 12.49
N ALA A 129 -13.05 10.33 13.09
CA ALA A 129 -11.97 10.29 14.08
C ALA A 129 -12.19 9.26 15.17
N ASP A 130 -13.40 9.26 15.73
CA ASP A 130 -13.76 8.29 16.75
C ASP A 130 -14.66 7.15 16.30
N LYS A 131 -14.70 6.83 15.01
CA LYS A 131 -15.53 5.69 14.53
C LYS A 131 -14.76 4.68 13.67
N TRP A 132 -13.43 4.80 13.68
CA TRP A 132 -12.56 3.96 12.87
C TRP A 132 -12.14 2.76 13.74
N HIS A 133 -12.99 1.75 13.70
CA HIS A 133 -12.89 0.62 14.62
C HIS A 133 -11.94 -0.45 14.13
N GLY A 134 -11.26 -1.09 15.06
CA GLY A 134 -10.59 -2.35 14.76
C GLY A 134 -11.55 -3.51 14.94
N LYS A 135 -10.98 -4.70 15.11
CA LYS A 135 -11.74 -5.94 15.18
C LYS A 135 -11.40 -6.73 16.42
N THR A 136 -12.37 -7.49 16.90
CA THR A 136 -12.15 -8.58 17.85
C THR A 136 -12.40 -9.85 17.05
N ILE A 137 -11.52 -10.83 17.17
CA ILE A 137 -11.41 -11.91 16.19
C ILE A 137 -11.53 -13.26 16.90
N PRO A 138 -12.53 -14.10 16.54
CA PRO A 138 -12.70 -15.40 17.18
C PRO A 138 -11.72 -16.43 16.61
N MET A 139 -10.45 -16.24 16.91
CA MET A 139 -9.42 -17.11 16.37
C MET A 139 -9.35 -18.47 17.10
N ASP A 140 -8.56 -19.40 16.53
CA ASP A 140 -8.34 -20.72 17.13
C ASP A 140 -7.56 -20.62 18.43
N GLY A 141 -7.89 -21.49 19.37
CA GLY A 141 -7.18 -21.64 20.61
C GLY A 141 -7.70 -20.74 21.72
N GLN A 142 -6.94 -20.76 22.81
CA GLN A 142 -7.35 -20.14 24.05
C GLN A 142 -6.83 -18.71 24.06
N HIS A 143 -7.43 -17.89 23.18
CA HIS A 143 -6.94 -16.54 22.90
C HIS A 143 -8.05 -15.47 22.86
N PHE A 144 -7.69 -14.26 23.27
CA PHE A 144 -8.45 -13.08 22.95
C PHE A 144 -7.57 -12.32 21.95
N CYS A 145 -8.14 -12.09 20.77
CA CYS A 145 -7.45 -11.46 19.67
C CYS A 145 -8.22 -10.25 19.20
N PHE A 146 -7.51 -9.14 19.02
CA PHE A 146 -8.10 -7.96 18.47
C PHE A 146 -7.07 -7.14 17.74
N THR A 147 -7.54 -6.22 16.92
CA THR A 147 -6.65 -5.30 16.23
C THR A 147 -6.86 -3.88 16.70
N ARG A 148 -5.75 -3.15 16.81
CA ARG A 148 -5.77 -1.71 17.01
C ARG A 148 -5.53 -1.07 15.65
N HIS A 149 -6.24 0.03 15.41
CA HIS A 149 -6.05 0.86 14.23
C HIS A 149 -5.25 2.06 14.71
N GLU A 150 -3.95 1.85 14.81
CA GLU A 150 -3.03 2.87 15.25
C GLU A 150 -2.74 3.78 14.07
N PRO A 151 -2.37 5.04 14.35
CA PRO A 151 -1.85 5.87 13.26
C PRO A 151 -0.54 5.27 12.73
N VAL A 152 -0.22 5.57 11.48
CA VAL A 152 1.05 5.09 10.89
C VAL A 152 2.24 5.94 11.36
N GLY A 153 1.99 7.20 11.69
CA GLY A 153 2.97 8.04 12.37
C GLY A 153 3.20 9.35 11.68
N VAL A 154 4.48 9.59 11.32
CA VAL A 154 4.88 10.86 10.70
C VAL A 154 4.65 10.72 9.19
N CYS A 155 3.64 11.43 8.69
CA CYS A 155 3.28 11.36 7.27
C CYS A 155 3.82 12.56 6.52
N GLY A 156 4.62 12.29 5.50
CA GLY A 156 5.01 13.28 4.51
C GLY A 156 3.92 13.37 3.47
N GLN A 157 3.45 14.59 3.20
CA GLN A 157 2.36 14.80 2.23
C GLN A 157 2.79 15.83 1.21
N ILE A 158 2.75 15.45 -0.06
CA ILE A 158 3.20 16.30 -1.17
C ILE A 158 2.03 16.46 -2.12
N ILE A 159 1.69 17.71 -2.42
CA ILE A 159 0.52 18.04 -3.22
C ILE A 159 0.82 18.97 -4.40
N PRO A 160 -0.04 18.94 -5.43
CA PRO A 160 0.13 19.80 -6.59
C PRO A 160 -0.55 21.19 -6.40
N TRP A 161 -0.60 21.95 -7.50
CA TRP A 161 -1.03 23.36 -7.54
C TRP A 161 -2.45 23.56 -8.05
N ASN A 162 -3.10 22.52 -8.57
CA ASN A 162 -4.33 22.76 -9.32
C ASN A 162 -5.52 23.07 -8.44
N PHE A 163 -5.61 22.40 -7.30
CA PHE A 163 -6.60 22.72 -6.25
C PHE A 163 -5.84 22.80 -4.92
N PRO A 164 -5.14 23.92 -4.64
CA PRO A 164 -4.28 24.00 -3.43
C PRO A 164 -4.97 23.65 -2.12
N LEU A 165 -6.08 24.31 -1.81
CA LEU A 165 -6.77 24.06 -0.53
C LEU A 165 -7.38 22.67 -0.50
N VAL A 166 -8.09 22.30 -1.57
CA VAL A 166 -8.71 21.01 -1.64
C VAL A 166 -7.69 19.87 -1.48
N MET A 167 -6.56 19.96 -2.17
CA MET A 167 -5.57 18.90 -2.11
C MET A 167 -4.97 18.82 -0.71
N GLN A 168 -4.80 19.97 -0.07
CA GLN A 168 -4.38 20.01 1.35
C GLN A 168 -5.37 19.32 2.27
N GLY A 169 -6.67 19.58 2.04
CA GLY A 169 -7.75 18.96 2.81
C GLY A 169 -7.74 17.44 2.68
N TRP A 170 -7.71 16.97 1.44
CA TRP A 170 -7.71 15.54 1.13
C TRP A 170 -6.62 14.78 1.90
N LYS A 171 -5.47 15.42 2.05
CA LYS A 171 -4.34 14.89 2.82
C LYS A 171 -4.45 15.09 4.33
N LEU A 172 -4.61 16.33 4.77
CA LEU A 172 -4.61 16.62 6.19
C LEU A 172 -5.74 15.94 6.97
N ALA A 173 -6.95 16.01 6.40
CA ALA A 173 -8.17 15.61 7.11
C ALA A 173 -8.17 14.15 7.57
N PRO A 174 -7.94 13.18 6.64
CA PRO A 174 -7.90 11.81 7.09
C PRO A 174 -6.66 11.47 7.91
N ALA A 175 -5.52 12.09 7.62
CA ALA A 175 -4.29 11.87 8.39
C ALA A 175 -4.46 12.29 9.85
N LEU A 176 -5.14 13.42 10.05
CA LEU A 176 -5.41 13.93 11.40
C LEU A 176 -6.53 13.17 12.14
N ALA A 177 -7.59 12.82 11.43
CA ALA A 177 -8.66 12.03 12.00
C ALA A 177 -8.11 10.74 12.62
N THR A 178 -7.11 10.11 11.97
CA THR A 178 -6.56 8.83 12.42
C THR A 178 -5.37 8.98 13.37
N GLY A 179 -5.05 10.22 13.77
CA GLY A 179 -4.02 10.48 14.78
C GLY A 179 -2.57 10.59 14.35
N ASN A 180 -2.31 10.68 13.06
CA ASN A 180 -0.96 10.92 12.51
C ASN A 180 -0.49 12.37 12.71
N THR A 181 0.81 12.60 12.50
CA THR A 181 1.37 13.94 12.38
C THR A 181 1.83 14.12 10.97
N VAL A 182 1.98 15.37 10.56
CA VAL A 182 2.15 15.74 9.17
C VAL A 182 3.30 16.71 8.94
N VAL A 183 4.06 16.44 7.88
CA VAL A 183 4.97 17.39 7.26
C VAL A 183 4.51 17.47 5.83
N MET A 184 4.00 18.64 5.43
CA MET A 184 3.38 18.81 4.11
C MET A 184 4.20 19.76 3.27
N LYS A 185 4.49 19.34 2.04
CA LYS A 185 5.15 20.20 1.05
C LYS A 185 4.17 20.58 -0.06
N VAL A 186 3.78 21.86 -0.05
CA VAL A 186 2.79 22.40 -0.99
C VAL A 186 3.48 22.82 -2.29
N ALA A 187 2.74 22.90 -3.38
CA ALA A 187 3.32 23.28 -4.67
C ALA A 187 4.02 24.64 -4.65
N GLU A 188 5.18 24.71 -5.33
CA GLU A 188 5.92 25.97 -5.48
C GLU A 188 5.06 27.08 -6.11
N GLN A 189 4.20 26.72 -7.04
CA GLN A 189 3.36 27.68 -7.77
C GLN A 189 2.24 28.29 -6.91
N THR A 190 1.77 27.59 -5.88
CA THR A 190 0.61 28.01 -5.06
C THR A 190 0.86 27.78 -3.57
N PRO A 191 1.79 28.55 -2.99
CA PRO A 191 2.11 28.44 -1.57
C PRO A 191 1.22 29.21 -0.58
N LEU A 192 0.46 30.20 -1.03
CA LEU A 192 -0.13 31.16 -0.11
C LEU A 192 -1.32 30.64 0.71
N SER A 193 -2.28 29.98 0.05
CA SER A 193 -3.55 29.64 0.72
C SER A 193 -3.32 28.63 1.84
N ALA A 194 -2.45 27.65 1.58
CA ALA A 194 -2.08 26.63 2.55
C ALA A 194 -1.47 27.21 3.81
N LEU A 195 -0.72 28.32 3.66
CA LEU A 195 -0.15 29.04 4.81
C LEU A 195 -1.22 29.75 5.62
N TYR A 196 -2.17 30.40 4.97
CA TYR A 196 -3.25 30.99 5.76
C TYR A 196 -4.01 29.88 6.50
N LEU A 197 -4.19 28.74 5.84
CA LEU A 197 -4.81 27.62 6.50
C LEU A 197 -4.05 27.17 7.74
N ALA A 198 -2.72 27.07 7.67
CA ALA A 198 -1.93 26.70 8.85
C ALA A 198 -2.14 27.62 10.04
N SER A 199 -2.40 28.91 9.80
CA SER A 199 -2.78 29.85 10.88
C SER A 199 -4.11 29.43 11.53
N LEU A 200 -5.03 28.91 10.73
CA LEU A 200 -6.30 28.38 11.23
C LEU A 200 -6.11 27.10 12.04
N ILE A 201 -5.19 26.25 11.62
CA ILE A 201 -4.80 25.06 12.39
C ILE A 201 -4.32 25.47 13.76
N LYS A 202 -3.43 26.46 13.81
CA LYS A 202 -2.98 26.98 15.09
C LYS A 202 -4.15 27.57 15.89
N GLU A 203 -4.99 28.40 15.24
CA GLU A 203 -6.13 29.03 15.92
C GLU A 203 -7.12 27.97 16.46
N ALA A 204 -7.36 26.93 15.66
CA ALA A 204 -8.22 25.81 16.07
C ALA A 204 -7.77 25.09 17.33
N GLY A 205 -6.46 25.06 17.60
CA GLY A 205 -5.93 24.47 18.83
C GLY A 205 -5.13 23.19 18.66
N PHE A 206 -4.74 22.82 17.43
CA PHE A 206 -3.94 21.59 17.24
C PHE A 206 -2.60 21.73 17.97
N PRO A 207 -2.16 20.67 18.67
CA PRO A 207 -0.85 20.77 19.33
C PRO A 207 0.31 21.11 18.38
N PRO A 208 1.33 21.81 18.90
CA PRO A 208 2.48 22.13 18.06
C PRO A 208 3.20 20.89 17.52
N GLY A 209 3.51 20.90 16.24
CA GLY A 209 4.20 19.77 15.61
C GLY A 209 3.28 18.84 14.83
N VAL A 210 1.98 18.86 15.11
CA VAL A 210 1.06 17.90 14.50
C VAL A 210 0.95 18.19 13.02
N VAL A 211 0.86 19.46 12.66
CA VAL A 211 0.90 19.88 11.26
C VAL A 211 2.04 20.85 11.04
N ASN A 212 2.87 20.55 10.04
CA ASN A 212 3.98 21.39 9.63
C ASN A 212 3.89 21.61 8.11
N ILE A 213 3.98 22.87 7.66
CA ILE A 213 3.92 23.21 6.24
C ILE A 213 5.22 23.80 5.71
N ILE A 214 5.73 23.17 4.66
CA ILE A 214 6.96 23.54 3.96
C ILE A 214 6.63 24.03 2.57
N THR A 215 7.01 25.27 2.28
CA THR A 215 7.02 25.81 0.93
C THR A 215 8.43 25.62 0.34
N GLY A 216 8.48 25.32 -0.96
CA GLY A 216 9.76 25.11 -1.64
C GLY A 216 9.60 24.22 -2.85
N TYR A 217 10.74 23.89 -3.46
CA TYR A 217 10.73 23.19 -4.74
C TYR A 217 10.61 21.69 -4.54
N GLY A 218 10.13 21.00 -5.56
CA GLY A 218 9.95 19.57 -5.53
C GLY A 218 11.22 18.72 -5.39
N PRO A 219 12.20 18.90 -6.30
CA PRO A 219 13.48 18.15 -6.20
C PRO A 219 14.33 18.40 -4.93
N THR A 220 14.11 19.53 -4.24
CA THR A 220 14.84 19.86 -3.01
C THR A 220 14.01 19.47 -1.76
N ALA A 221 13.11 20.36 -1.33
CA ALA A 221 12.05 19.99 -0.37
C ALA A 221 11.07 19.07 -1.08
N GLY A 222 10.72 17.94 -0.50
CA GLY A 222 9.81 17.04 -1.21
C GLY A 222 10.51 15.74 -1.47
N ALA A 223 11.59 15.81 -2.25
CA ALA A 223 12.55 14.71 -2.31
C ALA A 223 13.10 14.47 -0.90
N ALA A 224 13.45 15.53 -0.19
CA ALA A 224 13.83 15.44 1.22
C ALA A 224 12.79 14.67 2.09
N ILE A 225 11.51 14.92 1.85
CA ILE A 225 10.44 14.22 2.58
C ILE A 225 10.35 12.75 2.15
N ALA A 226 10.27 12.52 0.85
CA ALA A 226 10.25 11.17 0.30
C ALA A 226 11.46 10.33 0.68
N GLN A 227 12.62 10.98 0.82
CA GLN A 227 13.87 10.29 1.10
C GLN A 227 14.16 10.16 2.58
N HIS A 228 13.35 10.79 3.42
CA HIS A 228 13.70 10.98 4.84
C HIS A 228 13.58 9.65 5.56
N MET A 229 14.50 9.39 6.46
CA MET A 229 14.62 8.10 7.13
C MET A 229 13.75 7.99 8.37
N ASP A 230 13.30 9.11 8.91
CA ASP A 230 12.32 9.15 9.97
C ASP A 230 10.89 9.57 9.56
N VAL A 231 10.56 9.47 8.29
CA VAL A 231 9.17 9.68 7.86
C VAL A 231 8.62 8.31 7.58
N ASP A 232 7.49 8.01 8.22
CA ASP A 232 6.90 6.68 8.18
C ASP A 232 6.07 6.44 6.96
N LYS A 233 5.53 7.51 6.39
CA LYS A 233 4.65 7.39 5.25
C LYS A 233 4.75 8.62 4.36
N VAL A 234 4.72 8.41 3.03
CA VAL A 234 4.59 9.52 2.09
C VAL A 234 3.30 9.31 1.32
N ALA A 235 2.47 10.36 1.29
CA ALA A 235 1.29 10.40 0.46
C ALA A 235 1.52 11.49 -0.57
N PHE A 236 1.57 11.07 -1.84
CA PHE A 236 1.97 11.91 -2.94
C PHE A 236 0.87 12.07 -3.99
N THR A 237 0.59 13.31 -4.33
CA THR A 237 -0.32 13.64 -5.41
C THR A 237 0.49 14.48 -6.39
N GLY A 238 0.47 14.07 -7.66
CA GLY A 238 1.29 14.70 -8.68
C GLY A 238 1.37 13.94 -9.99
N SER A 239 2.37 14.27 -10.79
CA SER A 239 2.53 13.63 -12.11
C SER A 239 2.90 12.17 -11.95
N THR A 240 2.45 11.36 -12.90
CA THR A 240 2.84 9.97 -12.92
C THR A 240 4.36 9.88 -12.95
N GLU A 241 4.99 10.73 -13.76
CA GLU A 241 6.45 10.81 -13.87
C GLU A 241 7.12 10.87 -12.50
N VAL A 242 6.71 11.84 -11.67
CA VAL A 242 7.28 12.00 -10.33
C VAL A 242 6.86 10.85 -9.39
N GLY A 243 5.66 10.32 -9.57
CA GLY A 243 5.24 9.13 -8.82
C GLY A 243 6.28 8.02 -8.80
N HIS A 244 6.81 7.67 -9.98
CA HIS A 244 7.88 6.69 -10.14
C HIS A 244 9.06 6.97 -9.20
N LEU A 245 9.42 8.23 -9.05
CA LEU A 245 10.55 8.65 -8.20
C LEU A 245 10.27 8.56 -6.70
N ILE A 246 9.00 8.75 -6.31
CA ILE A 246 8.54 8.64 -4.92
C ILE A 246 8.61 7.17 -4.44
N GLN A 247 8.06 6.25 -5.23
CA GLN A 247 8.06 4.83 -4.86
C GLN A 247 9.50 4.30 -4.80
N LYS A 248 10.31 4.69 -5.77
CA LYS A 248 11.76 4.44 -5.73
C LYS A 248 12.40 4.94 -4.44
N ALA A 249 12.17 6.22 -4.13
CA ALA A 249 12.74 6.88 -2.95
C ALA A 249 12.36 6.17 -1.66
N ALA A 250 11.13 5.68 -1.58
CA ALA A 250 10.66 4.87 -0.45
C ALA A 250 11.49 3.59 -0.33
N GLY A 251 11.65 2.87 -1.44
CA GLY A 251 12.50 1.68 -1.46
C GLY A 251 13.95 2.00 -1.17
N ASP A 252 14.38 3.19 -1.57
CA ASP A 252 15.76 3.66 -1.36
C ASP A 252 16.06 4.15 0.06
N SER A 253 15.02 4.52 0.82
CA SER A 253 15.19 5.08 2.17
C SER A 253 14.88 4.04 3.25
N ASN A 254 13.65 4.03 3.78
CA ASN A 254 13.30 3.29 5.01
C ASN A 254 12.01 2.48 4.86
N LEU A 255 11.68 2.11 3.63
CA LEU A 255 10.44 1.40 3.33
C LEU A 255 9.19 2.08 3.90
N LYS A 256 9.16 3.40 3.83
CA LYS A 256 7.97 4.15 4.22
C LYS A 256 6.78 3.71 3.36
N ARG A 257 5.60 3.75 3.95
CA ARG A 257 4.36 3.37 3.27
C ARG A 257 4.08 4.46 2.23
N VAL A 258 3.57 4.06 1.08
CA VAL A 258 3.41 4.93 -0.06
C VAL A 258 1.97 4.93 -0.55
N THR A 259 1.36 6.11 -0.64
CA THR A 259 0.15 6.28 -1.48
C THR A 259 0.46 7.30 -2.54
N LEU A 260 -0.01 7.01 -3.75
CA LEU A 260 0.26 7.80 -4.94
C LEU A 260 -1.04 8.16 -5.63
N GLU A 261 -1.26 9.45 -5.85
CA GLU A 261 -2.41 9.91 -6.58
C GLU A 261 -1.86 10.64 -7.81
N LEU A 262 -1.97 10.03 -8.98
CA LEU A 262 -1.16 10.46 -10.14
C LEU A 262 -1.99 10.98 -11.31
N GLY A 263 -1.36 11.12 -12.48
CA GLY A 263 -2.03 11.61 -13.66
C GLY A 263 -3.15 10.75 -14.22
N GLY A 264 -3.71 11.24 -15.31
CA GLY A 264 -4.77 10.55 -16.02
C GLY A 264 -4.96 11.05 -17.45
N LYS A 265 -5.69 10.25 -18.20
CA LYS A 265 -6.17 10.61 -19.53
C LYS A 265 -7.54 9.95 -19.62
N SER A 266 -8.46 10.48 -18.82
CA SER A 266 -9.71 9.81 -18.52
C SER A 266 -10.70 9.96 -19.68
N PRO A 267 -11.33 8.86 -20.10
CA PRO A 267 -12.30 8.93 -21.18
C PRO A 267 -13.75 9.16 -20.71
N SER A 268 -14.41 10.15 -21.28
CA SER A 268 -15.88 10.20 -21.30
C SER A 268 -16.39 9.53 -22.59
N ILE A 269 -17.49 8.80 -22.49
CA ILE A 269 -17.98 7.95 -23.57
C ILE A 269 -19.47 8.19 -23.76
N VAL A 270 -19.86 8.76 -24.90
CA VAL A 270 -21.25 9.12 -25.12
C VAL A 270 -21.85 8.11 -26.09
N LEU A 271 -22.80 7.32 -25.61
CA LEU A 271 -23.50 6.40 -26.49
C LEU A 271 -24.59 7.16 -27.25
N ALA A 272 -25.12 6.52 -28.28
CA ALA A 272 -26.07 7.14 -29.19
C ALA A 272 -27.42 7.46 -28.53
N ASP A 273 -27.81 6.70 -27.51
CA ASP A 273 -29.07 6.95 -26.76
C ASP A 273 -28.99 7.97 -25.61
N ALA A 274 -27.85 8.65 -25.43
CA ALA A 274 -27.73 9.64 -24.37
C ALA A 274 -28.50 10.93 -24.65
N ASP A 275 -28.87 11.61 -23.58
CA ASP A 275 -29.44 12.95 -23.67
C ASP A 275 -28.32 13.82 -24.24
N MET A 276 -28.49 14.18 -25.50
CA MET A 276 -27.48 14.87 -26.27
C MET A 276 -27.01 16.13 -25.56
N GLU A 277 -27.97 17.00 -25.29
CA GLU A 277 -27.70 18.35 -24.77
C GLU A 277 -26.90 18.29 -23.48
N HIS A 278 -27.31 17.35 -22.63
CA HIS A 278 -26.71 17.10 -21.33
C HIS A 278 -25.31 16.50 -21.48
N ALA A 279 -25.16 15.49 -22.35
CA ALA A 279 -23.84 14.90 -22.60
C ALA A 279 -22.85 15.93 -23.17
N VAL A 280 -23.31 16.80 -24.06
CA VAL A 280 -22.43 17.82 -24.65
C VAL A 280 -21.94 18.76 -23.53
N GLU A 281 -22.86 19.21 -22.68
CA GLU A 281 -22.49 20.08 -21.56
C GLU A 281 -21.57 19.42 -20.50
N GLN A 282 -21.85 18.15 -20.19
CA GLN A 282 -21.05 17.41 -19.20
C GLN A 282 -19.64 17.11 -19.71
N CYS A 283 -19.56 16.59 -20.92
CA CYS A 283 -18.26 16.38 -21.55
C CYS A 283 -17.50 17.68 -21.73
N HIS A 284 -18.22 18.77 -22.01
CA HIS A 284 -17.58 20.06 -22.10
C HIS A 284 -16.88 20.40 -20.77
N GLU A 285 -17.64 20.42 -19.67
CA GLU A 285 -17.05 20.75 -18.35
C GLU A 285 -16.09 19.66 -17.85
N ALA A 286 -16.33 18.40 -18.25
CA ALA A 286 -15.45 17.29 -17.90
C ALA A 286 -14.00 17.63 -18.21
N LEU A 287 -13.75 18.31 -19.32
CA LEU A 287 -12.41 18.76 -19.66
C LEU A 287 -12.11 20.19 -19.22
N PHE A 288 -13.00 21.12 -19.53
CA PHE A 288 -12.70 22.53 -19.34
C PHE A 288 -12.72 23.00 -17.87
N PHE A 289 -13.28 22.20 -16.96
CA PHE A 289 -13.21 22.49 -15.53
C PHE A 289 -11.76 22.76 -15.07
N ASN A 290 -11.64 23.83 -14.29
CA ASN A 290 -10.38 24.32 -13.75
C ASN A 290 -9.31 24.59 -14.82
N MET A 291 -9.77 25.16 -15.95
CA MET A 291 -8.93 25.48 -17.11
C MET A 291 -8.22 24.28 -17.69
N GLY A 292 -8.91 23.14 -17.73
CA GLY A 292 -8.28 21.87 -18.11
C GLY A 292 -7.27 21.22 -17.16
N GLN A 293 -7.05 21.82 -15.99
CA GLN A 293 -6.00 21.41 -15.05
C GLN A 293 -6.60 20.60 -13.90
N CYS A 294 -7.62 19.78 -14.19
CA CYS A 294 -8.13 18.79 -13.24
C CYS A 294 -7.49 17.47 -13.59
N CYS A 295 -7.08 16.72 -12.58
CA CYS A 295 -6.43 15.43 -12.79
C CYS A 295 -7.34 14.37 -13.38
N CYS A 296 -8.62 14.33 -12.97
CA CYS A 296 -9.55 13.36 -13.52
C CYS A 296 -10.34 13.91 -14.71
N ALA A 297 -9.88 15.03 -15.30
CA ALA A 297 -10.55 15.67 -16.44
C ALA A 297 -10.87 14.68 -17.54
N GLY A 298 -12.08 14.78 -18.12
CA GLY A 298 -12.47 14.00 -19.30
C GLY A 298 -11.74 14.48 -20.55
N SER A 299 -10.47 14.07 -20.66
CA SER A 299 -9.52 14.58 -21.64
C SER A 299 -9.45 13.78 -22.94
N ARG A 300 -10.31 12.77 -23.06
CA ARG A 300 -10.63 12.09 -24.31
C ARG A 300 -12.14 11.94 -24.33
N THR A 301 -12.81 12.63 -25.25
CA THR A 301 -14.26 12.52 -25.41
C THR A 301 -14.57 11.57 -26.57
N PHE A 302 -14.98 10.33 -26.27
CA PHE A 302 -15.37 9.35 -27.27
C PHE A 302 -16.87 9.45 -27.59
N VAL A 303 -17.24 9.47 -28.88
CA VAL A 303 -18.64 9.74 -29.29
C VAL A 303 -19.06 8.75 -30.36
N GLU A 304 -20.26 8.19 -30.21
CA GLU A 304 -20.80 7.21 -31.17
C GLU A 304 -21.10 7.84 -32.56
N GLU A 305 -20.68 7.13 -33.61
CA GLU A 305 -20.92 7.45 -35.05
C GLU A 305 -22.22 8.20 -35.38
N SER A 306 -23.34 7.61 -35.01
CA SER A 306 -24.68 8.13 -35.32
C SER A 306 -24.92 9.57 -34.86
N ILE A 307 -24.16 10.03 -33.85
CA ILE A 307 -24.39 11.32 -33.20
C ILE A 307 -23.19 12.29 -33.21
N TYR A 308 -22.08 11.88 -33.83
CA TYR A 308 -20.79 12.57 -33.73
C TYR A 308 -20.78 13.96 -34.34
N ASN A 309 -21.38 14.10 -35.52
CA ASN A 309 -21.43 15.41 -36.19
C ASN A 309 -22.16 16.45 -35.37
N GLU A 310 -23.34 16.06 -34.88
CA GLU A 310 -24.12 16.92 -34.01
C GLU A 310 -23.37 17.22 -32.70
N PHE A 311 -22.80 16.19 -32.08
CA PHE A 311 -22.06 16.34 -30.83
C PHE A 311 -20.88 17.31 -31.02
N LEU A 312 -20.07 17.03 -32.05
CA LEU A 312 -18.94 17.88 -32.41
C LEU A 312 -19.35 19.32 -32.53
N GLU A 313 -20.43 19.54 -33.27
CA GLU A 313 -20.87 20.87 -33.66
C GLU A 313 -21.29 21.68 -32.42
N ARG A 314 -22.03 21.03 -31.52
CA ARG A 314 -22.46 21.66 -30.27
C ARG A 314 -21.29 21.87 -29.29
N THR A 315 -20.33 20.95 -29.29
CA THR A 315 -19.15 21.03 -28.44
C THR A 315 -18.30 22.22 -28.82
N VAL A 316 -18.09 22.38 -30.14
CA VAL A 316 -17.35 23.54 -30.68
C VAL A 316 -18.01 24.85 -30.24
N GLU A 317 -19.31 24.93 -30.43
CA GLU A 317 -20.08 26.11 -30.03
C GLU A 317 -19.91 26.41 -28.52
N LYS A 318 -19.88 25.38 -27.68
CA LYS A 318 -19.72 25.56 -26.23
C LYS A 318 -18.32 26.09 -25.85
N ALA A 319 -17.29 25.52 -26.47
CA ALA A 319 -15.92 26.06 -26.35
C ALA A 319 -15.82 27.55 -26.68
N LYS A 320 -16.41 27.92 -27.82
CA LYS A 320 -16.42 29.33 -28.27
C LYS A 320 -17.23 30.22 -27.33
N GLN A 321 -18.28 29.64 -26.74
CA GLN A 321 -19.15 30.39 -25.83
C GLN A 321 -18.55 30.64 -24.42
N ARG A 322 -17.62 29.78 -23.98
CA ARG A 322 -17.08 29.85 -22.60
C ARG A 322 -16.34 31.16 -22.31
N LYS A 323 -16.76 31.85 -21.25
CA LYS A 323 -16.18 33.14 -20.92
C LYS A 323 -14.75 32.96 -20.40
N VAL A 324 -13.82 33.61 -21.07
CA VAL A 324 -12.45 33.68 -20.60
C VAL A 324 -12.19 35.09 -20.07
N GLY A 325 -11.44 35.20 -18.97
CA GLY A 325 -11.09 36.52 -18.44
C GLY A 325 -10.58 36.59 -17.03
N ASN A 326 -10.57 37.81 -16.49
CA ASN A 326 -10.14 38.05 -15.11
C ASN A 326 -10.97 37.17 -14.18
N PRO A 327 -10.30 36.27 -13.43
CA PRO A 327 -11.05 35.32 -12.59
C PRO A 327 -11.86 35.93 -11.44
N PHE A 328 -11.53 37.16 -11.02
CA PHE A 328 -12.33 37.86 -10.02
C PHE A 328 -13.67 38.35 -10.55
N GLU A 329 -13.83 38.41 -11.86
CA GLU A 329 -15.17 38.65 -12.44
C GLU A 329 -16.06 37.42 -12.21
N LEU A 330 -17.23 37.67 -11.65
CA LEU A 330 -18.20 36.66 -11.24
C LEU A 330 -18.63 35.68 -12.32
N ASP A 331 -18.65 36.11 -13.57
CA ASP A 331 -19.11 35.23 -14.64
C ASP A 331 -17.97 34.63 -15.47
N THR A 332 -16.72 34.91 -15.12
CA THR A 332 -15.59 34.26 -15.75
C THR A 332 -15.69 32.74 -15.50
N GLN A 333 -15.56 31.97 -16.57
CA GLN A 333 -15.54 30.49 -16.51
C GLN A 333 -14.14 29.86 -16.66
N GLN A 334 -13.23 30.55 -17.31
CA GLN A 334 -11.88 30.07 -17.52
C GLN A 334 -10.92 31.17 -17.16
N GLY A 335 -10.12 30.94 -16.13
CA GLY A 335 -9.01 31.82 -15.81
C GLY A 335 -7.78 31.49 -16.63
N PRO A 336 -6.62 32.05 -16.27
CA PRO A 336 -5.40 31.71 -16.98
C PRO A 336 -4.89 30.38 -16.52
N GLN A 337 -3.96 29.80 -17.27
CA GLN A 337 -3.23 28.61 -16.84
C GLN A 337 -2.25 29.07 -15.74
N VAL A 338 -1.63 28.12 -15.05
CA VAL A 338 -1.04 28.42 -13.74
C VAL A 338 0.24 29.25 -13.79
N ASP A 339 1.07 29.01 -14.80
CA ASP A 339 2.32 29.75 -14.98
C ASP A 339 2.82 29.68 -16.44
N LYS A 340 3.94 30.35 -16.69
CA LYS A 340 4.57 30.40 -18.00
C LYS A 340 4.81 28.99 -18.54
N GLU A 341 5.50 28.14 -17.77
CA GLU A 341 5.78 26.76 -18.23
C GLU A 341 4.49 26.00 -18.64
N GLN A 342 3.50 25.89 -17.75
CA GLN A 342 2.25 25.20 -18.11
C GLN A 342 1.60 25.79 -19.37
N PHE A 343 1.57 27.12 -19.42
CA PHE A 343 1.04 27.87 -20.58
C PHE A 343 1.67 27.43 -21.92
N GLU A 344 3.01 27.44 -21.99
CA GLU A 344 3.74 27.04 -23.21
C GLU A 344 3.68 25.55 -23.49
N ARG A 345 3.68 24.75 -22.43
CA ARG A 345 3.43 23.31 -22.54
C ARG A 345 2.11 23.04 -23.30
N VAL A 346 1.04 23.76 -22.94
CA VAL A 346 -0.28 23.57 -23.58
C VAL A 346 -0.27 24.04 -25.06
N LEU A 347 0.20 25.26 -25.31
CA LEU A 347 0.41 25.76 -26.70
C LEU A 347 1.31 24.83 -27.52
N GLY A 348 2.30 24.23 -26.89
CA GLY A 348 3.12 23.19 -27.53
C GLY A 348 2.28 22.00 -27.96
N TYR A 349 1.42 21.51 -27.07
CA TYR A 349 0.50 20.40 -27.42
C TYR A 349 -0.52 20.81 -28.48
N ILE A 350 -0.97 22.06 -28.48
CA ILE A 350 -1.86 22.54 -29.57
C ILE A 350 -1.12 22.43 -30.91
N GLN A 351 0.09 22.98 -30.97
CA GLN A 351 0.96 22.89 -32.16
C GLN A 351 1.14 21.43 -32.58
N LEU A 352 1.45 20.58 -31.60
CA LEU A 352 1.65 19.15 -31.84
C LEU A 352 0.42 18.47 -32.42
N GLY A 353 -0.77 18.84 -31.91
CA GLY A 353 -2.01 18.30 -32.41
C GLY A 353 -2.15 18.49 -33.92
N GLN A 354 -1.87 19.72 -34.37
CA GLN A 354 -1.94 20.05 -35.80
C GLN A 354 -0.86 19.32 -36.63
N LYS A 355 0.39 19.35 -36.17
CA LYS A 355 1.49 18.59 -36.82
C LYS A 355 1.18 17.09 -37.00
N GLU A 356 0.45 16.51 -36.04
CA GLU A 356 0.07 15.08 -36.10
C GLU A 356 -1.13 14.80 -36.99
N GLY A 357 -1.77 15.85 -37.50
CA GLY A 357 -2.89 15.69 -38.43
C GLY A 357 -4.26 15.79 -37.77
N ALA A 358 -4.31 16.21 -36.51
CA ALA A 358 -5.59 16.46 -35.87
C ALA A 358 -6.17 17.78 -36.39
N LYS A 359 -7.50 17.81 -36.49
CA LYS A 359 -8.23 18.92 -37.11
C LYS A 359 -8.60 19.95 -36.03
N LEU A 360 -7.96 21.14 -36.07
CA LEU A 360 -8.25 22.22 -35.12
C LEU A 360 -9.59 22.87 -35.46
N LEU A 361 -10.56 22.79 -34.55
CA LEU A 361 -11.93 23.30 -34.80
C LEU A 361 -12.19 24.68 -34.21
N CYS A 362 -11.43 25.10 -33.20
CA CYS A 362 -11.55 26.42 -32.61
C CYS A 362 -10.39 26.69 -31.65
N GLY A 363 -10.26 27.95 -31.26
CA GLY A 363 -9.13 28.44 -30.46
C GLY A 363 -7.78 28.16 -31.08
N GLY A 364 -6.93 27.45 -30.34
CA GLY A 364 -5.60 27.06 -30.80
C GLY A 364 -4.50 28.10 -30.58
N GLU A 365 -4.74 29.11 -29.76
CA GLU A 365 -3.75 30.17 -29.57
C GLU A 365 -3.93 30.89 -28.24
N ARG A 366 -2.99 31.75 -27.92
CA ARG A 366 -3.09 32.61 -26.75
C ARG A 366 -4.40 33.44 -26.80
N PHE A 367 -4.94 33.73 -25.61
CA PHE A 367 -6.07 34.61 -25.48
C PHE A 367 -5.53 35.92 -24.91
N GLY A 368 -5.56 36.97 -25.74
CA GLY A 368 -5.05 38.28 -25.31
C GLY A 368 -3.54 38.25 -25.22
N GLU A 369 -2.96 39.18 -24.48
CA GLU A 369 -1.50 39.34 -24.47
C GLU A 369 -0.93 39.69 -23.11
N ARG A 370 -1.70 39.42 -22.06
CA ARG A 370 -1.25 39.60 -20.69
C ARG A 370 -1.74 38.41 -19.88
N GLY A 371 -0.91 37.97 -18.95
CA GLY A 371 -1.13 36.72 -18.25
C GLY A 371 -1.01 35.52 -19.17
N PHE A 372 -1.52 34.38 -18.68
CA PHE A 372 -1.31 33.09 -19.31
C PHE A 372 -2.63 32.49 -19.75
N PHE A 373 -3.44 33.28 -20.43
CA PHE A 373 -4.73 32.82 -20.94
C PHE A 373 -4.58 32.13 -22.28
N ILE A 374 -5.37 31.08 -22.48
CA ILE A 374 -5.38 30.28 -23.71
C ILE A 374 -6.81 30.08 -24.16
N LYS A 375 -7.08 30.24 -25.45
CA LYS A 375 -8.43 30.06 -26.00
C LYS A 375 -8.87 28.61 -25.89
N PRO A 376 -10.10 28.37 -25.36
CA PRO A 376 -10.71 27.03 -25.38
C PRO A 376 -10.55 26.41 -26.74
N THR A 377 -10.01 25.20 -26.77
CA THR A 377 -9.58 24.57 -28.01
C THR A 377 -10.18 23.18 -28.15
N VAL A 378 -10.77 22.89 -29.30
CA VAL A 378 -11.33 21.56 -29.58
C VAL A 378 -10.67 21.00 -30.84
N PHE A 379 -10.37 19.70 -30.83
CA PHE A 379 -9.80 18.97 -31.96
C PHE A 379 -10.74 17.88 -32.39
N GLY A 380 -11.05 17.85 -33.69
CA GLY A 380 -11.84 16.78 -34.28
C GLY A 380 -10.94 15.72 -34.88
N GLY A 381 -11.51 14.55 -35.15
CA GLY A 381 -10.81 13.48 -35.87
C GLY A 381 -9.49 13.05 -35.25
N VAL A 382 -9.46 12.94 -33.92
CA VAL A 382 -8.26 12.51 -33.20
C VAL A 382 -8.22 11.00 -33.22
N GLN A 383 -7.00 10.44 -33.29
CA GLN A 383 -6.76 9.00 -33.37
C GLN A 383 -5.91 8.55 -32.18
N ASP A 384 -6.02 7.28 -31.82
CA ASP A 384 -5.44 6.77 -30.57
C ASP A 384 -3.91 6.83 -30.50
N ASP A 385 -3.28 6.83 -31.67
CA ASP A 385 -1.82 6.82 -31.80
C ASP A 385 -1.17 8.21 -31.70
N MET A 386 -1.96 9.28 -31.65
CA MET A 386 -1.42 10.64 -31.59
C MET A 386 -0.96 10.97 -30.16
N ARG A 387 0.21 11.59 -30.04
CA ARG A 387 0.68 12.20 -28.77
C ARG A 387 -0.43 12.98 -28.01
N ILE A 388 -1.20 13.86 -28.66
CA ILE A 388 -2.33 14.52 -27.98
C ILE A 388 -3.39 13.55 -27.40
N ALA A 389 -3.48 12.34 -27.95
CA ALA A 389 -4.38 11.28 -27.44
C ALA A 389 -3.84 10.43 -26.28
N LYS A 390 -2.52 10.37 -26.12
CA LYS A 390 -1.86 9.49 -25.16
C LYS A 390 -1.35 10.20 -23.92
N GLU A 391 -1.08 11.49 -24.02
CA GLU A 391 -0.35 12.21 -22.97
C GLU A 391 -1.22 13.27 -22.34
N GLU A 392 -0.94 13.51 -21.07
CA GLU A 392 -1.64 14.47 -20.27
C GLU A 392 -1.21 15.89 -20.66
N ILE A 393 -2.09 16.54 -21.41
CA ILE A 393 -1.93 17.91 -21.88
C ILE A 393 -2.07 18.89 -20.71
N PHE A 394 -3.15 18.71 -19.93
CA PHE A 394 -3.41 19.48 -18.70
C PHE A 394 -3.78 20.92 -19.01
N GLY A 395 -4.68 21.08 -19.97
CA GLY A 395 -5.10 22.40 -20.41
C GLY A 395 -6.37 22.36 -21.20
N PRO A 396 -6.83 23.54 -21.66
CA PRO A 396 -8.14 23.67 -22.27
C PRO A 396 -8.12 23.20 -23.72
N VAL A 397 -7.98 21.90 -23.87
CA VAL A 397 -7.89 21.24 -25.17
C VAL A 397 -8.75 19.99 -25.13
N GLN A 398 -9.81 19.96 -25.94
CA GLN A 398 -10.73 18.82 -25.97
C GLN A 398 -10.55 18.05 -27.27
N PRO A 399 -9.96 16.85 -27.22
CA PRO A 399 -9.94 16.00 -28.41
C PRO A 399 -11.16 15.11 -28.49
N LEU A 400 -11.78 15.05 -29.66
CA LEU A 400 -12.95 14.20 -29.91
C LEU A 400 -12.52 12.96 -30.67
N PHE A 401 -13.18 11.86 -30.38
CA PHE A 401 -12.91 10.57 -30.98
C PHE A 401 -14.25 10.04 -31.43
N LYS A 402 -14.23 9.21 -32.46
CA LYS A 402 -15.43 8.57 -32.98
C LYS A 402 -15.28 7.09 -32.74
N PHE A 403 -16.38 6.39 -32.45
CA PHE A 403 -16.39 4.91 -32.40
C PHE A 403 -17.70 4.31 -32.92
N LYS A 404 -17.72 3.01 -33.21
CA LYS A 404 -18.92 2.31 -33.72
C LYS A 404 -19.49 1.35 -32.69
N LYS A 405 -18.64 0.44 -32.20
CA LYS A 405 -19.06 -0.65 -31.31
C LYS A 405 -18.59 -0.51 -29.84
N ILE A 406 -19.31 -1.23 -28.96
CA ILE A 406 -19.08 -1.19 -27.50
C ILE A 406 -17.76 -1.87 -27.13
N GLU A 407 -17.54 -3.08 -27.64
CA GLU A 407 -16.27 -3.79 -27.48
C GLU A 407 -15.07 -2.92 -27.89
N GLU A 408 -15.22 -2.17 -28.97
CA GLU A 408 -14.15 -1.32 -29.49
C GLU A 408 -13.84 -0.19 -28.50
N VAL A 409 -14.87 0.55 -28.08
CA VAL A 409 -14.68 1.72 -27.24
C VAL A 409 -14.19 1.36 -25.83
N VAL A 410 -14.55 0.18 -25.33
CA VAL A 410 -13.92 -0.38 -24.11
C VAL A 410 -12.39 -0.54 -24.26
N GLU A 411 -11.98 -1.22 -25.35
CA GLU A 411 -10.56 -1.50 -25.61
C GLU A 411 -9.72 -0.25 -25.75
N ARG A 412 -10.26 0.72 -26.50
CA ARG A 412 -9.61 2.01 -26.77
C ARG A 412 -9.51 2.88 -25.52
N ALA A 413 -10.59 2.94 -24.74
CA ALA A 413 -10.61 3.68 -23.47
C ALA A 413 -9.64 3.10 -22.43
N ASN A 414 -9.57 1.78 -22.33
CA ASN A 414 -8.62 1.10 -21.42
C ASN A 414 -7.18 0.95 -21.93
N ASN A 415 -6.97 1.11 -23.25
CA ASN A 415 -5.63 1.03 -23.85
C ASN A 415 -4.78 2.26 -23.48
N THR A 416 -4.33 2.28 -22.22
CA THR A 416 -3.53 3.39 -21.71
C THR A 416 -2.97 2.92 -20.39
N ARG A 417 -1.81 3.43 -20.02
CA ARG A 417 -1.24 3.12 -18.71
C ARG A 417 -1.95 3.91 -17.58
N TYR A 418 -2.75 4.91 -17.96
CA TYR A 418 -3.57 5.66 -17.03
C TYR A 418 -4.87 4.90 -16.69
N GLY A 419 -5.52 5.35 -15.63
CA GLY A 419 -6.76 4.74 -15.15
C GLY A 419 -7.34 5.44 -13.94
N LEU A 420 -7.36 6.76 -13.98
CA LEU A 420 -7.83 7.54 -12.87
C LEU A 420 -9.34 7.58 -12.87
N ALA A 421 -9.94 7.93 -14.00
CA ALA A 421 -11.39 8.01 -14.06
C ALA A 421 -11.93 7.69 -15.43
N ALA A 422 -13.25 7.58 -15.50
CA ALA A 422 -13.93 7.32 -16.74
C ALA A 422 -15.42 7.64 -16.58
N ALA A 423 -16.09 7.81 -17.70
CA ALA A 423 -17.51 8.17 -17.70
C ALA A 423 -18.24 7.62 -18.93
N VAL A 424 -19.51 7.31 -18.73
CA VAL A 424 -20.39 6.90 -19.82
C VAL A 424 -21.70 7.68 -19.74
N PHE A 425 -22.24 8.05 -20.89
CA PHE A 425 -23.54 8.72 -21.00
C PHE A 425 -24.45 7.84 -21.82
N THR A 426 -25.51 7.35 -21.19
CA THR A 426 -26.49 6.48 -21.85
C THR A 426 -27.79 6.45 -21.06
N ARG A 427 -28.90 6.31 -21.76
CA ARG A 427 -30.21 6.03 -21.13
C ARG A 427 -30.40 4.57 -20.75
N ASP A 428 -29.60 3.65 -21.28
CA ASP A 428 -29.90 2.23 -21.18
C ASP A 428 -29.27 1.62 -19.91
N LEU A 429 -30.05 0.84 -19.17
CA LEU A 429 -29.59 0.20 -17.92
C LEU A 429 -28.42 -0.76 -18.12
N ASP A 430 -28.61 -1.75 -18.99
CA ASP A 430 -27.66 -2.84 -19.20
C ASP A 430 -26.34 -2.33 -19.72
N LYS A 431 -26.41 -1.39 -20.66
CA LYS A 431 -25.21 -0.73 -21.16
C LYS A 431 -24.45 -0.08 -20.02
N ALA A 432 -25.15 0.68 -19.17
CA ALA A 432 -24.50 1.37 -18.04
C ALA A 432 -23.89 0.39 -17.04
N MET A 433 -24.63 -0.67 -16.73
CA MET A 433 -24.13 -1.70 -15.84
C MET A 433 -22.91 -2.39 -16.41
N TYR A 434 -22.88 -2.62 -17.72
CA TYR A 434 -21.71 -3.24 -18.36
C TYR A 434 -20.48 -2.32 -18.33
N PHE A 435 -20.65 -1.06 -18.75
CA PHE A 435 -19.55 -0.10 -18.69
C PHE A 435 -18.94 0.06 -17.30
N THR A 436 -19.75 -0.03 -16.23
CA THR A 436 -19.23 0.11 -14.86
C THR A 436 -18.26 -1.03 -14.49
N GLN A 437 -18.44 -2.20 -15.07
CA GLN A 437 -17.52 -3.31 -14.84
C GLN A 437 -16.32 -3.24 -15.78
N ALA A 438 -16.53 -2.82 -17.02
CA ALA A 438 -15.54 -2.95 -18.12
C ALA A 438 -14.42 -1.94 -18.08
N LEU A 439 -14.75 -0.69 -17.77
CA LEU A 439 -13.79 0.41 -17.79
C LEU A 439 -12.81 0.20 -16.62
N GLN A 440 -11.53 0.41 -16.89
CA GLN A 440 -10.45 0.15 -15.93
C GLN A 440 -10.02 1.48 -15.34
N ALA A 441 -10.84 1.97 -14.41
CA ALA A 441 -10.62 3.27 -13.80
C ALA A 441 -11.13 3.26 -12.37
N GLY A 442 -10.49 4.05 -11.52
CA GLY A 442 -10.82 4.07 -10.11
C GLY A 442 -12.15 4.67 -9.80
N THR A 443 -12.62 5.58 -10.66
CA THR A 443 -13.94 6.10 -10.57
C THR A 443 -14.59 6.04 -11.94
N VAL A 444 -15.78 5.45 -12.00
CA VAL A 444 -16.57 5.39 -13.22
C VAL A 444 -17.84 6.20 -12.98
N TRP A 445 -18.07 7.23 -13.79
CA TRP A 445 -19.30 8.03 -13.67
C TRP A 445 -20.36 7.61 -14.70
N VAL A 446 -21.63 7.63 -14.31
CA VAL A 446 -22.75 7.37 -15.24
C VAL A 446 -23.66 8.59 -15.31
N ASN A 447 -23.73 9.19 -16.51
CA ASN A 447 -24.50 10.42 -16.79
C ASN A 447 -24.12 11.63 -15.97
N THR A 448 -22.89 11.65 -15.49
CA THR A 448 -22.32 12.84 -14.86
C THR A 448 -20.80 12.75 -14.98
N TYR A 449 -20.11 13.73 -14.41
CA TYR A 449 -18.65 13.78 -14.42
C TYR A 449 -18.15 14.64 -13.26
N ASN A 450 -16.96 14.31 -12.72
CA ASN A 450 -16.28 15.15 -11.72
C ASN A 450 -17.01 15.22 -10.35
N ILE A 451 -17.86 14.24 -10.07
CA ILE A 451 -18.57 14.20 -8.82
C ILE A 451 -17.69 13.39 -7.84
N VAL A 452 -16.75 14.11 -7.24
CA VAL A 452 -15.83 13.59 -6.24
C VAL A 452 -16.08 14.38 -4.97
N THR A 453 -16.50 13.68 -3.91
CA THR A 453 -16.83 14.30 -2.64
C THR A 453 -16.07 13.58 -1.57
N CYS A 454 -16.17 14.12 -0.36
CA CYS A 454 -15.60 13.51 0.84
C CYS A 454 -15.95 12.02 1.01
N HIS A 455 -17.14 11.62 0.55
CA HIS A 455 -17.68 10.26 0.69
C HIS A 455 -17.06 9.25 -0.30
N THR A 456 -16.59 9.73 -1.46
CA THR A 456 -16.27 8.86 -2.60
C THR A 456 -14.80 8.51 -2.70
N PRO A 457 -14.45 7.23 -2.46
CA PRO A 457 -13.06 6.85 -2.59
C PRO A 457 -12.53 7.18 -3.97
N PHE A 458 -11.28 7.63 -4.03
CA PHE A 458 -10.73 8.18 -5.24
C PHE A 458 -9.26 7.81 -5.46
N GLY A 459 -8.98 7.21 -6.61
CA GLY A 459 -7.62 6.86 -6.98
C GLY A 459 -7.51 6.09 -8.26
N GLY A 460 -6.27 5.87 -8.67
CA GLY A 460 -6.00 5.30 -9.97
C GLY A 460 -5.92 3.80 -9.99
N PHE A 461 -6.36 3.21 -11.10
CA PHE A 461 -5.85 1.92 -11.55
C PHE A 461 -4.52 2.21 -12.28
N LYS A 462 -3.71 1.17 -12.43
CA LYS A 462 -2.44 1.21 -13.14
C LYS A 462 -1.52 2.37 -12.71
N GLU A 463 -1.09 3.24 -13.63
CA GLU A 463 -0.12 4.28 -13.29
C GLU A 463 -0.77 5.63 -12.96
N SER A 464 -2.09 5.63 -12.76
CA SER A 464 -2.79 6.80 -12.19
C SER A 464 -2.76 6.82 -10.67
N GLY A 465 -2.30 5.72 -10.06
CA GLY A 465 -2.01 5.75 -8.65
C GLY A 465 -1.94 4.40 -7.98
N ASN A 466 -1.79 4.50 -6.68
CA ASN A 466 -1.58 3.38 -5.80
C ASN A 466 -2.34 3.79 -4.52
N GLY A 467 -3.47 3.14 -4.27
CA GLY A 467 -4.26 3.39 -3.07
C GLY A 467 -5.37 4.42 -3.28
N ARG A 468 -6.13 4.69 -2.21
CA ARG A 468 -7.35 5.48 -2.33
C ARG A 468 -7.39 6.55 -1.26
N GLU A 469 -7.95 7.70 -1.63
CA GLU A 469 -8.20 8.79 -0.72
C GLU A 469 -9.68 9.01 -0.69
N LEU A 470 -10.11 9.72 0.35
CA LEU A 470 -11.51 10.02 0.61
C LEU A 470 -12.36 8.82 1.00
N GLY A 471 -13.55 9.11 1.53
CA GLY A 471 -14.44 8.08 2.08
C GLY A 471 -13.82 7.28 3.21
N GLU A 472 -14.50 6.20 3.59
CA GLU A 472 -13.96 5.28 4.60
C GLU A 472 -12.70 4.62 4.11
N ASP A 473 -12.66 4.29 2.82
CA ASP A 473 -11.48 3.66 2.23
C ASP A 473 -10.21 4.50 2.31
N GLY A 474 -10.37 5.83 2.42
CA GLY A 474 -9.26 6.73 2.56
C GLY A 474 -8.51 6.65 3.87
N LEU A 475 -9.11 6.01 4.86
CA LEU A 475 -8.47 5.85 6.17
C LEU A 475 -7.42 4.72 6.24
N LYS A 476 -7.55 3.71 5.39
CA LYS A 476 -6.66 2.53 5.43
C LYS A 476 -5.17 2.89 5.31
N ALA A 477 -4.87 3.81 4.40
CA ALA A 477 -3.49 4.28 4.15
C ALA A 477 -2.81 4.98 5.32
N TYR A 478 -3.61 5.54 6.22
CA TYR A 478 -3.13 6.27 7.38
C TYR A 478 -3.19 5.41 8.63
N THR A 479 -3.38 4.11 8.42
CA THR A 479 -3.52 3.18 9.51
C THR A 479 -2.44 2.10 9.47
N GLU A 480 -1.78 1.94 10.62
CA GLU A 480 -0.91 0.81 10.91
C GLU A 480 -1.67 -0.18 11.82
N VAL A 481 -2.07 -1.31 11.26
CA VAL A 481 -2.77 -2.35 12.00
C VAL A 481 -1.79 -3.06 12.90
N LYS A 482 -2.15 -3.18 14.18
CA LYS A 482 -1.48 -4.03 15.14
C LYS A 482 -2.47 -5.06 15.65
N THR A 483 -2.02 -6.31 15.66
CA THR A 483 -2.79 -7.44 16.13
C THR A 483 -2.31 -7.78 17.52
N VAL A 484 -3.21 -7.70 18.50
CA VAL A 484 -2.89 -8.10 19.84
C VAL A 484 -3.52 -9.46 20.12
N THR A 485 -2.74 -10.36 20.67
CA THR A 485 -3.20 -11.71 20.91
C THR A 485 -2.84 -12.16 22.33
N ILE A 486 -3.85 -12.50 23.11
CA ILE A 486 -3.71 -12.73 24.54
C ILE A 486 -4.20 -14.12 24.90
N LYS A 487 -3.35 -14.88 25.60
CA LYS A 487 -3.71 -16.19 26.17
C LYS A 487 -4.71 -15.98 27.29
N VAL A 488 -5.81 -16.72 27.23
CA VAL A 488 -6.87 -16.63 28.25
C VAL A 488 -7.05 -18.01 28.92
N PRO A 489 -7.58 -18.01 30.16
CA PRO A 489 -7.75 -19.30 30.87
C PRO A 489 -8.80 -20.25 30.24
N GLN A 490 -9.87 -19.70 29.68
CA GLN A 490 -10.87 -20.48 28.97
C GLN A 490 -11.51 -19.58 27.92
N LYS A 491 -11.67 -20.09 26.71
CA LYS A 491 -12.43 -19.36 25.68
C LYS A 491 -13.85 -19.88 25.65
N ASN A 492 -14.78 -18.96 25.50
CA ASN A 492 -16.18 -19.27 25.21
C ASN A 492 -16.62 -18.37 24.07
N SER A 493 -17.54 -18.85 23.24
CA SER A 493 -18.23 -17.99 22.29
C SER A 493 -19.03 -16.90 23.04
N LEU B 1 -0.05 -39.87 16.37
CA LEU B 1 1.38 -39.75 15.91
C LEU B 1 1.60 -40.58 14.62
N PRO B 2 1.18 -40.06 13.44
CA PRO B 2 1.22 -40.83 12.18
C PRO B 2 2.62 -41.01 11.61
N SER B 3 2.76 -41.93 10.67
CA SER B 3 4.08 -42.42 10.25
C SER B 3 4.54 -41.79 8.92
N PRO B 4 5.76 -41.20 8.89
CA PRO B 4 6.24 -40.52 7.68
C PRO B 4 6.60 -41.47 6.53
N ILE B 5 6.67 -40.93 5.31
CA ILE B 5 7.17 -41.63 4.12
C ILE B 5 8.60 -41.16 3.83
N LEU B 6 9.55 -42.08 3.79
CA LEU B 6 10.96 -41.75 3.51
C LEU B 6 11.30 -42.07 2.05
N ASN B 7 12.21 -41.29 1.47
CA ASN B 7 12.63 -41.39 0.06
C ASN B 7 11.48 -41.70 -0.94
N PRO B 8 10.49 -40.79 -1.05
CA PRO B 8 9.28 -41.05 -1.84
C PRO B 8 9.35 -40.54 -3.29
N ASP B 9 8.34 -40.92 -4.08
CA ASP B 9 8.20 -40.53 -5.49
C ASP B 9 8.03 -39.01 -5.59
N ILE B 10 8.74 -38.36 -6.52
CA ILE B 10 8.75 -36.89 -6.67
C ILE B 10 8.65 -36.56 -8.17
N PRO B 11 7.46 -36.75 -8.75
CA PRO B 11 7.31 -36.53 -10.20
C PRO B 11 7.45 -35.08 -10.64
N TYR B 12 7.06 -34.13 -9.79
CA TYR B 12 7.01 -32.72 -10.18
C TYR B 12 8.31 -31.99 -9.87
N ASN B 13 9.03 -31.66 -10.96
CA ASN B 13 10.32 -30.97 -10.92
C ASN B 13 10.45 -29.87 -11.99
N GLN B 14 9.33 -29.39 -12.54
CA GLN B 14 9.34 -28.44 -13.65
C GLN B 14 8.44 -27.23 -13.34
N LEU B 15 8.38 -26.29 -14.28
CA LEU B 15 7.54 -25.08 -14.13
C LEU B 15 6.08 -25.44 -14.37
N PHE B 16 5.19 -24.80 -13.62
CA PHE B 16 3.75 -24.97 -13.77
C PHE B 16 3.25 -23.69 -14.43
N ILE B 17 2.83 -23.79 -15.69
CA ILE B 17 2.42 -22.63 -16.48
C ILE B 17 1.22 -22.97 -17.34
N ASN B 18 0.15 -22.20 -17.17
CA ASN B 18 -1.09 -22.42 -17.90
C ASN B 18 -1.52 -23.90 -17.78
N ASN B 19 -1.42 -24.39 -16.55
CA ASN B 19 -1.77 -25.76 -16.15
C ASN B 19 -1.05 -26.92 -16.89
N GLU B 20 0.16 -26.63 -17.38
CA GLU B 20 0.98 -27.61 -18.07
C GLU B 20 2.43 -27.55 -17.58
N TRP B 21 3.02 -28.73 -17.41
CA TRP B 21 4.40 -28.85 -16.91
C TRP B 21 5.36 -28.58 -18.04
N GLN B 22 6.30 -27.69 -17.78
CA GLN B 22 7.20 -27.19 -18.80
C GLN B 22 8.55 -26.91 -18.16
N ASP B 23 9.62 -27.12 -18.93
CA ASP B 23 10.97 -26.73 -18.52
C ASP B 23 11.16 -25.26 -18.87
N ALA B 24 12.26 -24.68 -18.38
CA ALA B 24 12.67 -23.34 -18.81
C ALA B 24 13.01 -23.33 -20.31
N VAL B 25 12.71 -22.21 -20.98
CA VAL B 25 13.13 -21.93 -22.37
C VAL B 25 14.58 -22.36 -22.68
N SER B 26 15.49 -22.17 -21.71
CA SER B 26 16.91 -22.51 -21.85
C SER B 26 17.26 -23.98 -21.50
N LYS B 27 16.27 -24.74 -21.03
CA LYS B 27 16.40 -26.18 -20.75
C LYS B 27 17.23 -26.49 -19.49
N LYS B 28 17.65 -25.45 -18.77
CA LYS B 28 18.55 -25.61 -17.63
C LYS B 28 17.81 -26.16 -16.43
N THR B 29 18.57 -26.76 -15.51
CA THR B 29 18.05 -27.16 -14.22
C THR B 29 18.93 -26.55 -13.13
N PHE B 30 18.52 -26.77 -11.88
CA PHE B 30 19.39 -26.58 -10.72
C PHE B 30 19.07 -27.62 -9.64
N PRO B 31 20.06 -27.97 -8.80
CA PRO B 31 19.87 -29.01 -7.78
C PRO B 31 19.18 -28.50 -6.51
N THR B 32 18.54 -29.42 -5.77
CA THR B 32 18.11 -29.17 -4.37
C THR B 32 18.64 -30.27 -3.46
N VAL B 33 19.14 -29.85 -2.31
CA VAL B 33 19.94 -30.64 -1.39
C VAL B 33 19.09 -30.99 -0.17
N ASN B 34 19.19 -32.23 0.31
CA ASN B 34 18.61 -32.60 1.60
C ASN B 34 19.54 -32.08 2.70
N PRO B 35 19.06 -31.12 3.54
CA PRO B 35 19.94 -30.62 4.60
C PRO B 35 20.29 -31.63 5.70
N THR B 36 19.56 -32.74 5.80
CA THR B 36 19.84 -33.79 6.80
C THR B 36 21.09 -34.59 6.44
N THR B 37 21.15 -35.04 5.18
CA THR B 37 22.24 -35.88 4.67
C THR B 37 23.38 -35.04 4.10
N GLY B 38 23.02 -33.96 3.41
CA GLY B 38 23.96 -33.15 2.62
C GLY B 38 23.94 -33.54 1.15
N GLU B 39 23.11 -34.52 0.78
CA GLU B 39 23.12 -35.13 -0.56
C GLU B 39 22.05 -34.52 -1.48
N VAL B 40 22.40 -34.33 -2.75
CA VAL B 40 21.44 -33.82 -3.76
C VAL B 40 20.21 -34.75 -3.86
N ILE B 41 19.01 -34.15 -3.85
CA ILE B 41 17.73 -34.90 -3.94
C ILE B 41 17.37 -35.15 -5.40
N GLY B 42 17.31 -34.06 -6.14
CA GLY B 42 16.95 -34.09 -7.55
C GLY B 42 17.22 -32.70 -8.10
N HIS B 43 17.06 -32.57 -9.41
CA HIS B 43 17.21 -31.28 -10.06
C HIS B 43 15.83 -30.74 -10.45
N VAL B 44 15.74 -29.42 -10.61
CA VAL B 44 14.45 -28.74 -10.82
C VAL B 44 14.63 -27.65 -11.87
N ALA B 45 13.57 -27.31 -12.59
CA ALA B 45 13.69 -26.33 -13.68
C ALA B 45 14.18 -24.94 -13.18
N GLU B 46 15.06 -24.30 -13.95
CA GLU B 46 15.61 -22.98 -13.59
C GLU B 46 14.96 -21.87 -14.40
N GLY B 47 13.81 -21.39 -13.91
CA GLY B 47 13.12 -20.28 -14.55
C GLY B 47 13.95 -19.00 -14.60
N ASP B 48 13.83 -18.27 -15.70
CA ASP B 48 14.40 -16.94 -15.87
C ASP B 48 13.33 -16.01 -16.49
N ARG B 49 13.72 -14.80 -16.91
CA ARG B 49 12.77 -13.80 -17.42
C ARG B 49 11.86 -14.29 -18.54
N ALA B 50 12.39 -15.06 -19.49
CA ALA B 50 11.59 -15.56 -20.61
C ALA B 50 10.49 -16.53 -20.15
N ASP B 51 10.75 -17.22 -19.05
CA ASP B 51 9.77 -18.13 -18.45
C ASP B 51 8.69 -17.33 -17.70
N VAL B 52 9.15 -16.33 -16.94
CA VAL B 52 8.25 -15.38 -16.27
C VAL B 52 7.32 -14.68 -17.26
N ASP B 53 7.85 -14.17 -18.38
CA ASP B 53 7.03 -13.54 -19.42
C ASP B 53 5.94 -14.48 -19.92
N ARG B 54 6.31 -15.76 -20.07
CA ARG B 54 5.39 -16.82 -20.45
C ARG B 54 4.28 -16.91 -19.40
N ALA B 55 4.67 -16.96 -18.12
CA ALA B 55 3.73 -17.08 -17.00
C ALA B 55 2.82 -15.85 -16.82
N VAL B 56 3.39 -14.66 -17.00
CA VAL B 56 2.63 -13.40 -17.00
C VAL B 56 1.58 -13.36 -18.12
N LYS B 57 1.92 -13.86 -19.31
CA LYS B 57 0.93 -13.97 -20.42
C LYS B 57 -0.22 -14.90 -20.08
N ALA B 58 0.10 -16.04 -19.50
CA ALA B 58 -0.90 -16.98 -19.01
C ALA B 58 -1.80 -16.38 -17.89
N ALA B 59 -1.21 -15.60 -16.99
CA ALA B 59 -1.95 -14.98 -15.89
C ALA B 59 -2.86 -13.88 -16.43
N ARG B 60 -2.30 -13.03 -17.29
CA ARG B 60 -3.00 -11.95 -17.97
C ARG B 60 -4.21 -12.42 -18.76
N GLU B 61 -4.08 -13.58 -19.42
CA GLU B 61 -5.15 -14.13 -20.26
C GLU B 61 -6.28 -14.74 -19.44
N ALA B 62 -5.92 -15.54 -18.44
CA ALA B 62 -6.90 -15.99 -17.46
C ALA B 62 -7.62 -14.85 -16.68
N PHE B 63 -7.02 -13.66 -16.60
CA PHE B 63 -7.63 -12.49 -15.95
C PHE B 63 -8.39 -11.54 -16.91
N ARG B 64 -8.34 -11.77 -18.23
CA ARG B 64 -9.01 -10.90 -19.20
C ARG B 64 -10.53 -10.85 -18.94
N LEU B 65 -11.11 -9.67 -19.07
CA LEU B 65 -12.54 -9.47 -18.93
C LEU B 65 -13.32 -10.45 -19.81
N GLY B 66 -14.15 -11.29 -19.17
CA GLY B 66 -14.98 -12.28 -19.84
C GLY B 66 -14.46 -13.71 -19.71
N SER B 67 -13.28 -13.88 -19.11
CA SER B 67 -12.67 -15.21 -18.97
C SER B 67 -13.46 -16.10 -18.02
N PRO B 68 -13.21 -17.43 -18.04
CA PRO B 68 -13.83 -18.31 -17.05
C PRO B 68 -13.64 -17.83 -15.60
N TRP B 69 -12.42 -17.44 -15.25
CA TRP B 69 -12.07 -17.05 -13.88
C TRP B 69 -12.68 -15.71 -13.42
N ARG B 70 -12.83 -14.74 -14.33
CA ARG B 70 -13.55 -13.49 -14.03
C ARG B 70 -15.08 -13.66 -13.88
N ARG B 71 -15.68 -14.46 -14.77
CA ARG B 71 -17.14 -14.62 -14.89
C ARG B 71 -17.75 -15.61 -13.89
N MET B 72 -16.87 -16.43 -13.34
CA MET B 72 -17.21 -17.45 -12.35
C MET B 72 -17.81 -16.81 -11.08
N ASP B 73 -18.79 -17.48 -10.47
CA ASP B 73 -19.36 -17.00 -9.21
C ASP B 73 -18.28 -16.99 -8.14
N ALA B 74 -18.25 -15.90 -7.38
CA ALA B 74 -17.33 -15.74 -6.26
C ALA B 74 -17.37 -16.94 -5.32
N SER B 75 -18.56 -17.48 -5.11
CA SER B 75 -18.77 -18.68 -4.31
C SER B 75 -18.05 -19.92 -4.86
N GLU B 76 -17.93 -19.98 -6.19
CA GLU B 76 -17.22 -21.09 -6.86
C GLU B 76 -15.70 -20.98 -6.71
N ARG B 77 -15.16 -19.75 -6.67
CA ARG B 77 -13.78 -19.55 -6.22
C ARG B 77 -13.61 -20.08 -4.80
N GLY B 78 -14.61 -19.82 -3.97
CA GLY B 78 -14.73 -20.46 -2.67
C GLY B 78 -14.63 -21.97 -2.72
N ARG B 79 -15.55 -22.62 -3.44
CA ARG B 79 -15.61 -24.08 -3.54
C ARG B 79 -14.29 -24.71 -4.07
N LEU B 80 -13.66 -24.07 -5.06
CA LEU B 80 -12.31 -24.43 -5.53
C LEU B 80 -11.21 -24.39 -4.48
N LEU B 81 -11.16 -23.32 -3.69
CA LEU B 81 -10.20 -23.22 -2.58
C LEU B 81 -10.44 -24.30 -1.54
N ASN B 82 -11.69 -24.69 -1.39
CA ASN B 82 -12.08 -25.68 -0.43
C ASN B 82 -11.76 -27.08 -0.93
N ARG B 83 -11.99 -27.35 -2.22
CA ARG B 83 -11.56 -28.62 -2.82
C ARG B 83 -10.06 -28.78 -2.60
N LEU B 84 -9.29 -27.74 -2.96
CA LEU B 84 -7.85 -27.70 -2.70
C LEU B 84 -7.47 -28.10 -1.28
N ALA B 85 -8.18 -27.56 -0.30
CA ALA B 85 -7.92 -27.92 1.11
C ALA B 85 -8.23 -29.38 1.42
N ASP B 86 -9.30 -29.93 0.81
CA ASP B 86 -9.65 -31.36 0.91
C ASP B 86 -8.51 -32.24 0.34
N LEU B 87 -7.94 -31.81 -0.79
CA LEU B 87 -6.86 -32.54 -1.48
C LEU B 87 -5.55 -32.52 -0.69
N VAL B 88 -5.24 -31.37 -0.11
CA VAL B 88 -4.08 -31.23 0.78
C VAL B 88 -4.24 -32.12 2.01
N GLU B 89 -5.47 -32.26 2.49
CA GLU B 89 -5.80 -33.18 3.60
C GLU B 89 -5.56 -34.64 3.18
N ARG B 90 -6.11 -35.03 2.02
CA ARG B 90 -5.92 -36.38 1.45
C ARG B 90 -4.44 -36.75 1.35
N ASP B 91 -3.63 -35.84 0.80
CA ASP B 91 -2.21 -36.09 0.59
C ASP B 91 -1.34 -35.48 1.67
N ARG B 92 -1.88 -35.41 2.88
CA ARG B 92 -1.24 -34.65 3.95
C ARG B 92 0.09 -35.26 4.38
N VAL B 93 0.12 -36.58 4.52
CA VAL B 93 1.35 -37.28 4.91
C VAL B 93 2.45 -37.13 3.85
N TYR B 94 2.09 -37.19 2.57
CA TYR B 94 3.08 -37.04 1.49
C TYR B 94 3.72 -35.64 1.49
N LEU B 95 2.88 -34.60 1.62
CA LEU B 95 3.33 -33.20 1.64
C LEU B 95 4.19 -32.86 2.87
N ALA B 96 3.76 -33.32 4.04
CA ALA B 96 4.52 -33.14 5.27
C ALA B 96 5.88 -33.84 5.22
N SER B 97 5.92 -35.02 4.59
CA SER B 97 7.17 -35.77 4.34
C SER B 97 8.06 -35.02 3.35
N LEU B 98 7.45 -34.52 2.28
CA LEU B 98 8.18 -33.78 1.26
C LEU B 98 8.79 -32.46 1.79
N GLU B 99 8.05 -31.72 2.62
CA GLU B 99 8.57 -30.48 3.25
C GLU B 99 9.76 -30.80 4.17
N THR B 100 9.61 -31.81 5.01
CA THR B 100 10.70 -32.29 5.89
C THR B 100 11.93 -32.74 5.10
N LEU B 101 11.71 -33.45 4.00
CA LEU B 101 12.80 -33.88 3.13
C LEU B 101 13.57 -32.69 2.60
N ASP B 102 12.83 -31.75 2.00
CA ASP B 102 13.41 -30.65 1.24
C ASP B 102 13.91 -29.46 2.09
N ASN B 103 13.28 -29.22 3.24
CA ASN B 103 13.58 -28.05 4.10
C ASN B 103 14.33 -28.45 5.38
N GLY B 104 13.98 -29.61 5.95
CA GLY B 104 14.68 -30.16 7.11
C GLY B 104 13.96 -30.09 8.44
N LYS B 105 12.80 -29.42 8.50
CA LYS B 105 12.06 -29.31 9.75
C LYS B 105 11.58 -30.69 10.24
N PRO B 106 11.42 -30.86 11.57
CA PRO B 106 10.86 -32.13 12.07
C PRO B 106 9.48 -32.47 11.47
N PHE B 107 9.30 -33.73 11.12
CA PHE B 107 8.00 -34.25 10.68
C PHE B 107 6.86 -33.91 11.65
N GLN B 108 7.13 -33.92 12.96
CA GLN B 108 6.17 -33.49 13.98
C GLN B 108 5.72 -32.02 13.82
N GLU B 109 6.64 -31.13 13.39
CA GLU B 109 6.28 -29.77 12.98
C GLU B 109 5.53 -29.83 11.66
N SER B 110 6.20 -30.37 10.64
CA SER B 110 5.68 -30.42 9.29
C SER B 110 4.23 -30.95 9.23
N TYR B 111 3.97 -32.04 9.95
CA TYR B 111 2.67 -32.70 9.92
C TYR B 111 1.63 -31.98 10.76
N ALA B 112 1.93 -31.78 12.03
CA ALA B 112 0.96 -31.25 12.99
C ALA B 112 0.76 -29.73 12.95
N LEU B 113 1.79 -28.96 12.61
CA LEU B 113 1.67 -27.50 12.59
C LEU B 113 1.53 -26.96 11.17
N ASP B 114 2.60 -27.08 10.37
CA ASP B 114 2.64 -26.51 9.01
C ASP B 114 1.43 -26.95 8.19
N LEU B 115 1.28 -28.26 7.99
CA LEU B 115 0.20 -28.78 7.14
C LEU B 115 -1.18 -28.47 7.69
N ASP B 116 -1.32 -28.46 9.01
CA ASP B 116 -2.58 -28.08 9.60
C ASP B 116 -2.95 -26.63 9.23
N GLU B 117 -2.00 -25.70 9.39
CA GLU B 117 -2.22 -24.29 9.02
C GLU B 117 -2.50 -24.07 7.53
N VAL B 118 -1.81 -24.83 6.68
CA VAL B 118 -2.05 -24.81 5.23
C VAL B 118 -3.52 -25.17 4.88
N ILE B 119 -4.01 -26.25 5.46
CA ILE B 119 -5.39 -26.67 5.22
C ILE B 119 -6.30 -25.53 5.68
N LYS B 120 -6.07 -25.06 6.91
CA LYS B 120 -6.87 -23.99 7.52
C LYS B 120 -6.88 -22.69 6.71
N VAL B 121 -5.76 -22.35 6.06
CA VAL B 121 -5.68 -21.10 5.31
C VAL B 121 -6.43 -21.18 3.97
N TYR B 122 -6.32 -22.28 3.25
CA TYR B 122 -7.16 -22.47 2.05
C TYR B 122 -8.66 -22.46 2.46
N ARG B 123 -8.97 -23.20 3.53
CA ARG B 123 -10.32 -23.28 4.11
C ARG B 123 -10.92 -21.92 4.58
N TYR B 124 -10.10 -21.12 5.27
CA TYR B 124 -10.53 -19.84 5.82
C TYR B 124 -10.86 -18.88 4.68
N PHE B 125 -9.96 -18.78 3.71
CA PHE B 125 -10.14 -17.83 2.60
C PHE B 125 -11.17 -18.30 1.59
N ALA B 126 -11.30 -19.61 1.41
CA ALA B 126 -12.45 -20.15 0.70
C ALA B 126 -13.77 -19.48 1.15
N GLY B 127 -13.93 -19.29 2.45
CA GLY B 127 -15.10 -18.64 3.02
C GLY B 127 -15.20 -17.13 2.77
N TRP B 128 -14.05 -16.44 2.66
CA TRP B 128 -14.07 -15.00 2.36
C TRP B 128 -14.42 -14.66 0.92
N ALA B 129 -14.20 -15.62 0.02
CA ALA B 129 -14.35 -15.43 -1.41
C ALA B 129 -15.64 -14.73 -1.82
N ASP B 130 -16.76 -15.10 -1.20
CA ASP B 130 -18.07 -14.50 -1.55
C ASP B 130 -18.68 -13.60 -0.45
N LYS B 131 -17.84 -13.08 0.44
CA LYS B 131 -18.27 -12.19 1.56
C LYS B 131 -17.53 -10.85 1.64
N TRP B 132 -16.67 -10.58 0.66
CA TRP B 132 -15.82 -9.40 0.66
C TRP B 132 -16.60 -8.28 -0.04
N HIS B 133 -17.39 -7.57 0.73
CA HIS B 133 -18.39 -6.66 0.18
C HIS B 133 -17.80 -5.28 -0.07
N GLY B 134 -18.28 -4.62 -1.12
CA GLY B 134 -18.07 -3.17 -1.27
C GLY B 134 -19.17 -2.45 -0.51
N LYS B 135 -19.34 -1.17 -0.80
CA LYS B 135 -20.21 -0.31 -0.03
C LYS B 135 -21.22 0.40 -0.92
N THR B 136 -22.40 0.74 -0.37
CA THR B 136 -23.25 1.77 -0.95
C THR B 136 -23.07 2.97 -0.04
N ILE B 137 -22.95 4.14 -0.65
CA ILE B 137 -22.44 5.34 0.02
C ILE B 137 -23.42 6.50 -0.21
N PRO B 138 -24.01 7.04 0.87
CA PRO B 138 -25.01 8.08 0.72
C PRO B 138 -24.36 9.45 0.53
N MET B 139 -23.71 9.62 -0.62
CA MET B 139 -22.99 10.83 -0.96
C MET B 139 -23.89 12.03 -1.25
N ASP B 140 -23.27 13.19 -1.40
CA ASP B 140 -24.00 14.44 -1.74
C ASP B 140 -24.54 14.39 -3.16
N GLY B 141 -25.61 15.15 -3.38
CA GLY B 141 -26.23 15.28 -4.69
C GLY B 141 -27.11 14.13 -5.13
N GLN B 142 -27.55 14.20 -6.37
CA GLN B 142 -28.55 13.30 -6.94
C GLN B 142 -27.87 12.11 -7.56
N HIS B 143 -27.31 11.29 -6.68
CA HIS B 143 -26.39 10.22 -7.04
C HIS B 143 -26.66 8.96 -6.23
N PHE B 144 -26.54 7.81 -6.89
CA PHE B 144 -26.34 6.53 -6.26
C PHE B 144 -24.84 6.29 -6.38
N CYS B 145 -24.16 6.01 -5.27
CA CYS B 145 -22.73 5.74 -5.29
C CYS B 145 -22.47 4.38 -4.68
N PHE B 146 -21.59 3.61 -5.29
CA PHE B 146 -21.15 2.37 -4.68
C PHE B 146 -19.74 2.03 -5.04
N THR B 147 -19.16 1.08 -4.30
CA THR B 147 -17.84 0.58 -4.62
C THR B 147 -17.86 -0.90 -5.03
N ARG B 148 -17.01 -1.26 -5.98
CA ARG B 148 -16.72 -2.65 -6.33
C ARG B 148 -15.35 -3.02 -5.78
N HIS B 149 -15.29 -4.18 -5.12
CA HIS B 149 -14.04 -4.78 -4.65
C HIS B 149 -13.55 -5.73 -5.71
N GLU B 150 -13.04 -5.12 -6.78
CA GLU B 150 -12.46 -5.81 -7.91
C GLU B 150 -11.10 -6.37 -7.54
N PRO B 151 -10.66 -7.44 -8.24
CA PRO B 151 -9.27 -7.91 -8.08
C PRO B 151 -8.27 -6.94 -8.70
N VAL B 152 -7.08 -6.87 -8.11
CA VAL B 152 -6.02 -6.03 -8.63
C VAL B 152 -5.53 -6.58 -9.99
N GLY B 153 -5.46 -7.90 -10.16
CA GLY B 153 -5.16 -8.51 -11.47
C GLY B 153 -4.08 -9.57 -11.40
N VAL B 154 -3.02 -9.39 -12.18
CA VAL B 154 -1.86 -10.31 -12.18
C VAL B 154 -0.98 -9.99 -10.97
N CYS B 155 -0.86 -10.94 -10.06
CA CYS B 155 -0.12 -10.78 -8.82
C CYS B 155 1.13 -11.65 -8.78
N GLY B 156 2.28 -10.98 -8.84
CA GLY B 156 3.57 -11.59 -8.61
C GLY B 156 3.70 -11.89 -7.14
N GLN B 157 4.07 -13.12 -6.82
CA GLN B 157 4.16 -13.62 -5.45
C GLN B 157 5.52 -14.30 -5.30
N ILE B 158 6.33 -13.78 -4.39
CA ILE B 158 7.69 -14.25 -4.14
C ILE B 158 7.76 -14.67 -2.68
N ILE B 159 8.08 -15.94 -2.43
CA ILE B 159 8.14 -16.48 -1.05
C ILE B 159 9.51 -17.06 -0.66
N PRO B 160 9.75 -17.21 0.66
CA PRO B 160 10.99 -17.77 1.14
C PRO B 160 10.88 -19.29 1.42
N TRP B 161 11.92 -19.84 2.04
CA TRP B 161 12.10 -21.28 2.20
C TRP B 161 11.77 -21.80 3.57
N ASN B 162 11.61 -20.92 4.56
CA ASN B 162 11.43 -21.38 5.92
C ASN B 162 10.13 -22.08 6.22
N PHE B 163 9.05 -21.70 5.52
CA PHE B 163 7.78 -22.44 5.62
C PHE B 163 7.24 -22.58 4.20
N PRO B 164 7.79 -23.52 3.42
CA PRO B 164 7.49 -23.49 1.98
C PRO B 164 6.01 -23.58 1.63
N LEU B 165 5.30 -24.46 2.32
CA LEU B 165 3.87 -24.68 2.06
C LEU B 165 2.96 -23.62 2.71
N VAL B 166 3.27 -23.24 3.96
CA VAL B 166 2.53 -22.21 4.68
C VAL B 166 2.59 -20.87 3.95
N MET B 167 3.79 -20.47 3.50
CA MET B 167 3.99 -19.18 2.86
C MET B 167 3.32 -19.11 1.50
N GLN B 168 3.32 -20.24 0.79
CA GLN B 168 2.60 -20.37 -0.48
C GLN B 168 1.10 -20.16 -0.27
N GLY B 169 0.58 -20.70 0.82
CA GLY B 169 -0.84 -20.59 1.16
C GLY B 169 -1.25 -19.22 1.61
N TRP B 170 -0.42 -18.61 2.47
CA TRP B 170 -0.62 -17.20 2.87
C TRP B 170 -0.73 -16.29 1.65
N LYS B 171 -0.05 -16.65 0.56
CA LYS B 171 -0.11 -15.88 -0.68
C LYS B 171 -1.29 -16.27 -1.57
N LEU B 172 -1.44 -17.55 -1.90
CA LEU B 172 -2.43 -17.98 -2.90
C LEU B 172 -3.88 -17.86 -2.41
N ALA B 173 -4.12 -18.21 -1.15
CA ALA B 173 -5.48 -18.29 -0.62
C ALA B 173 -6.22 -16.93 -0.68
N PRO B 174 -5.62 -15.86 -0.12
CA PRO B 174 -6.31 -14.57 -0.22
C PRO B 174 -6.37 -14.03 -1.65
N ALA B 175 -5.29 -14.18 -2.41
CA ALA B 175 -5.24 -13.68 -3.78
C ALA B 175 -6.29 -14.32 -4.69
N LEU B 176 -6.46 -15.63 -4.59
CA LEU B 176 -7.48 -16.35 -5.38
C LEU B 176 -8.89 -16.13 -4.86
N ALA B 177 -9.06 -16.01 -3.55
CA ALA B 177 -10.38 -15.75 -2.98
C ALA B 177 -10.97 -14.46 -3.51
N THR B 178 -10.12 -13.44 -3.71
CA THR B 178 -10.52 -12.14 -4.26
C THR B 178 -10.46 -12.08 -5.79
N GLY B 179 -10.05 -13.19 -6.41
CA GLY B 179 -10.22 -13.40 -7.85
C GLY B 179 -9.09 -12.89 -8.71
N ASN B 180 -7.89 -12.80 -8.16
CA ASN B 180 -6.70 -12.40 -8.92
C ASN B 180 -6.17 -13.63 -9.66
N THR B 181 -5.14 -13.39 -10.48
CA THR B 181 -4.32 -14.48 -11.01
C THR B 181 -2.91 -14.28 -10.50
N VAL B 182 -2.16 -15.37 -10.48
CA VAL B 182 -0.88 -15.46 -9.77
C VAL B 182 0.24 -16.01 -10.65
N VAL B 183 1.38 -15.34 -10.54
CA VAL B 183 2.66 -15.87 -10.98
C VAL B 183 3.51 -15.98 -9.71
N MET B 184 3.70 -17.20 -9.22
CA MET B 184 4.47 -17.40 -7.99
C MET B 184 5.90 -17.90 -8.22
N LYS B 185 6.83 -17.26 -7.52
CA LYS B 185 8.25 -17.62 -7.54
C LYS B 185 8.66 -18.18 -6.17
N VAL B 186 8.78 -19.50 -6.13
CA VAL B 186 9.10 -20.27 -4.93
C VAL B 186 10.57 -20.18 -4.65
N ALA B 187 10.98 -20.32 -3.39
CA ALA B 187 12.39 -20.23 -3.03
C ALA B 187 13.24 -21.30 -3.73
N GLU B 188 14.50 -20.95 -4.04
CA GLU B 188 15.44 -21.89 -4.68
C GLU B 188 15.80 -23.06 -3.75
N GLN B 189 15.91 -22.80 -2.44
CA GLN B 189 16.29 -23.83 -1.47
C GLN B 189 15.23 -24.92 -1.31
N THR B 190 13.94 -24.61 -1.56
CA THR B 190 12.80 -25.49 -1.22
C THR B 190 11.73 -25.53 -2.32
N PRO B 191 12.07 -26.07 -3.50
CA PRO B 191 11.14 -25.94 -4.62
C PRO B 191 10.09 -27.03 -4.73
N LEU B 192 10.21 -28.14 -4.01
CA LEU B 192 9.47 -29.35 -4.35
C LEU B 192 8.00 -29.40 -3.92
N SER B 193 7.74 -29.11 -2.65
CA SER B 193 6.37 -29.18 -2.10
C SER B 193 5.40 -28.22 -2.79
N ALA B 194 5.89 -27.04 -3.15
CA ALA B 194 5.10 -26.04 -3.90
C ALA B 194 4.68 -26.52 -5.29
N LEU B 195 5.54 -27.34 -5.93
CA LEU B 195 5.19 -27.95 -7.22
C LEU B 195 4.17 -29.05 -7.04
N TYR B 196 4.28 -29.85 -5.98
CA TYR B 196 3.27 -30.88 -5.74
C TYR B 196 1.91 -30.22 -5.45
N LEU B 197 1.91 -29.12 -4.69
CA LEU B 197 0.66 -28.38 -4.45
C LEU B 197 0.04 -27.93 -5.76
N ALA B 198 0.88 -27.49 -6.70
CA ALA B 198 0.42 -27.11 -8.04
C ALA B 198 -0.34 -28.22 -8.74
N SER B 199 0.05 -29.48 -8.52
CA SER B 199 -0.67 -30.63 -9.11
C SER B 199 -2.09 -30.73 -8.56
N LEU B 200 -2.24 -30.43 -7.27
CA LEU B 200 -3.56 -30.38 -6.62
C LEU B 200 -4.42 -29.18 -7.06
N ILE B 201 -3.81 -28.02 -7.24
CA ILE B 201 -4.48 -26.88 -7.86
C ILE B 201 -5.10 -27.30 -9.19
N LYS B 202 -4.36 -28.06 -9.99
CA LYS B 202 -4.89 -28.55 -11.26
C LYS B 202 -6.04 -29.56 -11.06
N GLU B 203 -5.87 -30.50 -10.11
CA GLU B 203 -6.90 -31.51 -9.83
C GLU B 203 -8.19 -30.90 -9.25
N ALA B 204 -8.05 -29.86 -8.43
CA ALA B 204 -9.18 -29.13 -7.85
C ALA B 204 -10.09 -28.50 -8.91
N GLY B 205 -9.50 -28.09 -10.03
CA GLY B 205 -10.25 -27.55 -11.17
C GLY B 205 -10.07 -26.05 -11.41
N PHE B 206 -8.93 -25.47 -11.01
CA PHE B 206 -8.67 -24.06 -11.31
C PHE B 206 -8.43 -23.89 -12.81
N PRO B 207 -9.08 -22.89 -13.45
CA PRO B 207 -8.77 -22.57 -14.82
C PRO B 207 -7.26 -22.40 -15.15
N PRO B 208 -6.87 -22.66 -16.41
CA PRO B 208 -5.47 -22.49 -16.81
C PRO B 208 -4.95 -21.07 -16.63
N GLY B 209 -3.76 -20.93 -16.08
CA GLY B 209 -3.10 -19.62 -15.98
C GLY B 209 -3.54 -18.78 -14.79
N VAL B 210 -4.48 -19.28 -13.99
CA VAL B 210 -4.87 -18.62 -12.74
C VAL B 210 -3.70 -18.68 -11.75
N VAL B 211 -3.17 -19.88 -11.52
CA VAL B 211 -1.93 -20.03 -10.75
C VAL B 211 -0.82 -20.57 -11.64
N ASN B 212 0.32 -19.89 -11.60
CA ASN B 212 1.50 -20.21 -12.38
C ASN B 212 2.70 -20.22 -11.43
N ILE B 213 3.32 -21.38 -11.27
CA ILE B 213 4.44 -21.51 -10.34
C ILE B 213 5.79 -21.64 -11.06
N ILE B 214 6.77 -20.89 -10.56
CA ILE B 214 8.09 -20.83 -11.16
C ILE B 214 9.13 -21.12 -10.10
N THR B 215 10.04 -22.03 -10.46
CA THR B 215 11.24 -22.35 -9.69
C THR B 215 12.40 -21.56 -10.29
N GLY B 216 13.34 -21.14 -9.45
CA GLY B 216 14.45 -20.33 -9.95
C GLY B 216 15.12 -19.46 -8.91
N TYR B 217 16.14 -18.74 -9.36
CA TYR B 217 16.91 -17.84 -8.50
C TYR B 217 16.22 -16.48 -8.40
N GLY B 218 16.46 -15.79 -7.30
CA GLY B 218 15.79 -14.53 -7.01
C GLY B 218 16.16 -13.42 -7.98
N PRO B 219 17.48 -13.12 -8.11
CA PRO B 219 18.00 -12.12 -9.04
C PRO B 219 17.60 -12.23 -10.52
N THR B 220 17.17 -13.40 -10.96
CA THR B 220 16.71 -13.59 -12.32
C THR B 220 15.18 -13.69 -12.36
N ALA B 221 14.63 -14.76 -11.80
CA ALA B 221 13.19 -15.04 -11.85
C ALA B 221 12.39 -14.06 -10.97
N GLY B 222 12.81 -13.88 -9.73
CA GLY B 222 12.19 -12.92 -8.84
C GLY B 222 12.19 -11.49 -9.37
N ALA B 223 13.37 -11.03 -9.77
CA ALA B 223 13.52 -9.70 -10.34
C ALA B 223 12.77 -9.48 -11.67
N ALA B 224 12.52 -10.54 -12.43
CA ALA B 224 11.73 -10.39 -13.66
C ALA B 224 10.28 -10.05 -13.34
N ILE B 225 9.76 -10.67 -12.29
CA ILE B 225 8.41 -10.43 -11.77
C ILE B 225 8.26 -9.01 -11.22
N ALA B 226 9.20 -8.62 -10.36
CA ALA B 226 9.19 -7.31 -9.71
C ALA B 226 9.35 -6.17 -10.69
N GLN B 227 10.03 -6.44 -11.81
CA GLN B 227 10.31 -5.45 -12.85
C GLN B 227 9.35 -5.48 -14.05
N HIS B 228 8.43 -6.45 -14.08
CA HIS B 228 7.61 -6.69 -15.27
C HIS B 228 6.57 -5.57 -15.45
N MET B 229 6.41 -5.11 -16.68
CA MET B 229 5.50 -4.00 -16.98
C MET B 229 4.02 -4.40 -17.05
N ASP B 230 3.74 -5.68 -16.86
CA ASP B 230 2.39 -6.24 -16.95
C ASP B 230 2.02 -7.09 -15.73
N VAL B 231 2.77 -6.91 -14.63
CA VAL B 231 2.37 -7.43 -13.31
C VAL B 231 1.76 -6.26 -12.57
N ASP B 232 0.54 -6.46 -12.11
CA ASP B 232 -0.22 -5.38 -11.46
C ASP B 232 0.17 -5.23 -10.00
N LYS B 233 0.56 -6.33 -9.36
CA LYS B 233 0.91 -6.34 -7.95
C LYS B 233 2.08 -7.30 -7.65
N VAL B 234 2.98 -6.88 -6.77
CA VAL B 234 3.98 -7.77 -6.16
C VAL B 234 3.68 -7.91 -4.69
N ALA B 235 3.56 -9.16 -4.25
CA ALA B 235 3.57 -9.48 -2.85
C ALA B 235 4.85 -10.25 -2.59
N PHE B 236 5.66 -9.75 -1.66
CA PHE B 236 6.99 -10.29 -1.40
C PHE B 236 7.15 -10.59 0.07
N THR B 237 7.57 -11.82 0.35
CA THR B 237 7.95 -12.22 1.68
C THR B 237 9.41 -12.68 1.62
N GLY B 238 10.28 -11.98 2.33
CA GLY B 238 11.68 -12.34 2.40
C GLY B 238 12.47 -11.37 3.26
N SER B 239 13.69 -11.08 2.85
CA SER B 239 14.60 -10.28 3.66
C SER B 239 14.30 -8.82 3.46
N THR B 240 14.58 -8.05 4.50
CA THR B 240 14.43 -6.62 4.46
C THR B 240 15.25 -6.06 3.29
N GLU B 241 16.52 -6.50 3.13
CA GLU B 241 17.37 -5.94 2.05
C GLU B 241 16.74 -6.17 0.68
N VAL B 242 16.22 -7.37 0.45
CA VAL B 242 15.57 -7.65 -0.83
C VAL B 242 14.28 -6.84 -0.97
N GLY B 243 13.54 -6.67 0.12
CA GLY B 243 12.34 -5.82 0.16
C GLY B 243 12.53 -4.39 -0.35
N HIS B 244 13.62 -3.75 0.10
CA HIS B 244 14.10 -2.48 -0.46
C HIS B 244 14.16 -2.51 -1.99
N LEU B 245 14.76 -3.56 -2.53
CA LEU B 245 14.93 -3.70 -3.97
C LEU B 245 13.56 -3.88 -4.66
N ILE B 246 12.70 -4.73 -4.09
CA ILE B 246 11.36 -4.99 -4.66
C ILE B 246 10.60 -3.68 -4.83
N GLN B 247 10.57 -2.90 -3.75
CA GLN B 247 9.98 -1.57 -3.77
C GLN B 247 10.63 -0.68 -4.85
N LYS B 248 11.94 -0.75 -5.02
CA LYS B 248 12.58 0.00 -6.11
C LYS B 248 12.21 -0.50 -7.53
N ALA B 249 12.09 -1.81 -7.71
CA ALA B 249 11.72 -2.35 -9.03
C ALA B 249 10.31 -1.91 -9.49
N ALA B 250 9.36 -1.87 -8.55
CA ALA B 250 7.99 -1.38 -8.79
C ALA B 250 7.95 0.08 -9.22
N GLY B 251 8.76 0.91 -8.57
CA GLY B 251 8.87 2.31 -8.93
C GLY B 251 9.57 2.55 -10.24
N ASP B 252 10.51 1.66 -10.59
CA ASP B 252 11.28 1.75 -11.83
C ASP B 252 10.56 1.14 -13.02
N SER B 253 9.59 0.25 -12.78
CA SER B 253 8.87 -0.41 -13.86
C SER B 253 7.52 0.27 -14.05
N ASN B 254 6.45 -0.24 -13.47
CA ASN B 254 5.07 0.14 -13.84
C ASN B 254 4.18 0.60 -12.68
N LEU B 255 4.78 1.00 -11.56
CA LEU B 255 4.06 1.40 -10.35
C LEU B 255 3.06 0.34 -9.83
N LYS B 256 3.42 -0.93 -10.00
CA LYS B 256 2.68 -2.03 -9.40
C LYS B 256 2.54 -1.86 -7.90
N ARG B 257 1.43 -2.38 -7.36
CA ARG B 257 1.20 -2.32 -5.93
C ARG B 257 2.18 -3.31 -5.25
N VAL B 258 2.56 -2.98 -4.01
CA VAL B 258 3.59 -3.70 -3.28
C VAL B 258 3.13 -4.00 -1.87
N THR B 259 3.14 -5.28 -1.51
CA THR B 259 3.07 -5.69 -0.10
C THR B 259 4.39 -6.39 0.20
N LEU B 260 4.96 -6.05 1.35
CA LEU B 260 6.27 -6.56 1.79
C LEU B 260 6.11 -7.18 3.17
N GLU B 261 6.58 -8.42 3.29
CA GLU B 261 6.64 -9.13 4.56
C GLU B 261 8.10 -9.51 4.81
N LEU B 262 8.75 -8.80 5.73
CA LEU B 262 10.20 -8.80 5.84
C LEU B 262 10.72 -9.35 7.18
N GLY B 263 11.99 -9.11 7.50
CA GLY B 263 12.61 -9.71 8.67
C GLY B 263 12.19 -9.10 9.99
N GLY B 264 12.77 -9.66 11.05
CA GLY B 264 12.48 -9.26 12.43
C GLY B 264 13.70 -9.39 13.34
N LYS B 265 13.61 -8.71 14.48
CA LYS B 265 14.44 -8.96 15.65
C LYS B 265 13.47 -8.80 16.84
N SER B 266 12.43 -9.65 16.81
CA SER B 266 11.28 -9.51 17.71
C SER B 266 11.63 -9.84 19.15
N PRO B 267 11.30 -8.95 20.10
CA PRO B 267 11.63 -9.18 21.51
C PRO B 267 10.54 -9.90 22.31
N SER B 268 10.92 -10.87 23.14
CA SER B 268 10.06 -11.39 24.21
C SER B 268 10.52 -10.74 25.50
N ILE B 269 9.56 -10.24 26.27
CA ILE B 269 9.80 -9.43 27.46
C ILE B 269 9.13 -10.16 28.65
N VAL B 270 9.93 -10.53 29.67
CA VAL B 270 9.46 -11.29 30.83
C VAL B 270 9.57 -10.43 32.08
N LEU B 271 8.42 -10.06 32.64
CA LEU B 271 8.37 -9.25 33.85
C LEU B 271 8.46 -10.14 35.11
N ALA B 272 8.80 -9.50 36.23
CA ALA B 272 9.03 -10.14 37.53
C ALA B 272 7.85 -11.00 37.98
N ASP B 273 6.64 -10.50 37.75
CA ASP B 273 5.41 -11.19 38.19
C ASP B 273 4.92 -12.29 37.24
N ALA B 274 5.67 -12.64 36.20
CA ALA B 274 5.23 -13.67 35.26
C ALA B 274 5.33 -15.09 35.84
N ASP B 275 4.51 -15.97 35.30
CA ASP B 275 4.65 -17.42 35.50
C ASP B 275 5.98 -17.87 34.90
N MET B 276 6.97 -18.09 35.77
CA MET B 276 8.36 -18.44 35.40
C MET B 276 8.47 -19.64 34.48
N GLU B 277 7.91 -20.76 34.94
CA GLU B 277 7.94 -22.03 34.19
C GLU B 277 7.38 -21.82 32.77
N HIS B 278 6.24 -21.14 32.70
CA HIS B 278 5.57 -20.83 31.43
C HIS B 278 6.40 -19.88 30.54
N ALA B 279 6.87 -18.79 31.14
CA ALA B 279 7.71 -17.82 30.43
C ALA B 279 9.00 -18.44 29.86
N VAL B 280 9.75 -19.20 30.67
CA VAL B 280 10.97 -19.92 30.17
C VAL B 280 10.64 -20.76 28.95
N GLU B 281 9.62 -21.60 29.09
CA GLU B 281 9.22 -22.53 28.04
C GLU B 281 8.77 -21.79 26.78
N GLN B 282 7.94 -20.77 26.97
CA GLN B 282 7.43 -19.96 25.84
C GLN B 282 8.56 -19.23 25.09
N CYS B 283 9.46 -18.57 25.82
CA CYS B 283 10.58 -17.82 25.19
C CYS B 283 11.65 -18.72 24.59
N HIS B 284 11.82 -19.91 25.16
CA HIS B 284 12.68 -20.93 24.54
C HIS B 284 12.11 -21.35 23.18
N GLU B 285 10.84 -21.73 23.15
CA GLU B 285 10.22 -22.15 21.90
C GLU B 285 10.03 -20.96 20.92
N ALA B 286 9.88 -19.74 21.44
CA ALA B 286 9.78 -18.54 20.59
C ALA B 286 11.00 -18.40 19.66
N LEU B 287 12.18 -18.60 20.21
CA LEU B 287 13.40 -18.64 19.41
C LEU B 287 13.59 -19.93 18.59
N PHE B 288 13.68 -21.09 19.26
CA PHE B 288 14.14 -22.34 18.60
C PHE B 288 13.12 -23.00 17.68
N PHE B 289 11.87 -22.55 17.72
CA PHE B 289 10.86 -23.08 16.80
C PHE B 289 11.36 -23.00 15.37
N ASN B 290 11.13 -24.06 14.62
CA ASN B 290 11.63 -24.21 13.26
C ASN B 290 13.12 -23.88 13.17
N MET B 291 13.89 -24.38 14.14
CA MET B 291 15.37 -24.23 14.17
C MET B 291 15.87 -22.77 14.16
N GLY B 292 15.09 -21.87 14.74
CA GLY B 292 15.42 -20.44 14.74
C GLY B 292 15.17 -19.72 13.42
N GLN B 293 14.52 -20.40 12.48
CA GLN B 293 14.27 -19.86 11.13
C GLN B 293 12.80 -19.39 10.98
N CYS B 294 12.25 -18.78 12.02
CA CYS B 294 10.92 -18.16 11.95
C CYS B 294 11.11 -16.64 11.89
N CYS B 295 10.50 -15.99 10.90
CA CYS B 295 10.54 -14.53 10.78
C CYS B 295 10.21 -13.78 12.08
N CYS B 296 9.17 -14.24 12.77
CA CYS B 296 8.77 -13.62 14.05
C CYS B 296 9.41 -14.26 15.27
N ALA B 297 10.51 -14.99 15.09
CA ALA B 297 11.24 -15.58 16.20
C ALA B 297 11.49 -14.55 17.30
N GLY B 298 11.29 -14.98 18.54
CA GLY B 298 11.61 -14.16 19.72
C GLY B 298 13.12 -14.15 19.91
N SER B 299 13.79 -13.39 19.06
CA SER B 299 15.23 -13.47 18.93
C SER B 299 15.94 -12.52 19.86
N ARG B 300 15.20 -11.77 20.68
CA ARG B 300 15.75 -11.12 21.86
C ARG B 300 14.88 -11.49 23.06
N THR B 301 15.51 -11.97 24.13
CA THR B 301 14.81 -12.29 25.38
C THR B 301 15.26 -11.32 26.49
N PHE B 302 14.39 -10.35 26.79
CA PHE B 302 14.59 -9.35 27.85
C PHE B 302 13.91 -9.85 29.12
N VAL B 303 14.65 -9.83 30.23
CA VAL B 303 14.21 -10.48 31.47
C VAL B 303 14.44 -9.55 32.66
N GLU B 304 13.44 -9.38 33.52
CA GLU B 304 13.55 -8.42 34.62
C GLU B 304 14.67 -8.89 35.57
N GLU B 305 15.42 -7.94 36.11
CA GLU B 305 16.67 -8.27 36.81
C GLU B 305 16.49 -9.12 38.07
N SER B 306 15.41 -8.91 38.82
CA SER B 306 15.10 -9.76 39.99
C SER B 306 14.94 -11.26 39.67
N ILE B 307 14.49 -11.62 38.47
CA ILE B 307 14.34 -13.03 38.07
C ILE B 307 15.34 -13.51 37.01
N TYR B 308 16.33 -12.67 36.69
CA TYR B 308 17.29 -12.95 35.61
C TYR B 308 18.05 -14.29 35.76
N ASN B 309 18.71 -14.46 36.90
CA ASN B 309 19.55 -15.66 37.12
C ASN B 309 18.71 -16.96 37.10
N GLU B 310 17.56 -16.96 37.77
CA GLU B 310 16.65 -18.12 37.71
C GLU B 310 16.22 -18.39 36.27
N PHE B 311 15.77 -17.36 35.56
CA PHE B 311 15.37 -17.52 34.15
C PHE B 311 16.52 -18.02 33.29
N LEU B 312 17.70 -17.42 33.49
CA LEU B 312 18.90 -17.82 32.77
C LEU B 312 19.20 -19.33 32.92
N GLU B 313 19.23 -19.81 34.18
CA GLU B 313 19.64 -21.20 34.45
C GLU B 313 18.65 -22.17 33.82
N ARG B 314 17.36 -21.92 34.05
CA ARG B 314 16.28 -22.73 33.47
C ARG B 314 16.30 -22.75 31.95
N THR B 315 16.59 -21.60 31.33
CA THR B 315 16.68 -21.47 29.87
C THR B 315 17.83 -22.28 29.25
N VAL B 316 18.99 -22.30 29.91
CA VAL B 316 20.13 -23.09 29.43
C VAL B 316 19.81 -24.58 29.52
N GLU B 317 19.25 -24.96 30.68
CA GLU B 317 18.72 -26.30 30.90
C GLU B 317 17.84 -26.73 29.73
N LYS B 318 16.82 -25.94 29.42
CA LYS B 318 15.89 -26.29 28.32
C LYS B 318 16.59 -26.32 26.95
N ALA B 319 17.55 -25.42 26.71
CA ALA B 319 18.41 -25.49 25.49
C ALA B 319 19.27 -26.76 25.44
N LYS B 320 19.84 -27.16 26.58
CA LYS B 320 20.63 -28.39 26.66
C LYS B 320 19.88 -29.69 26.32
N GLN B 321 18.56 -29.73 26.57
CA GLN B 321 17.76 -30.97 26.33
C GLN B 321 16.95 -31.03 25.03
N ARG B 322 17.01 -29.99 24.21
CA ARG B 322 16.28 -30.00 22.93
C ARG B 322 16.80 -31.14 22.01
N LYS B 323 15.90 -32.00 21.54
CA LYS B 323 16.28 -33.19 20.77
C LYS B 323 16.72 -32.85 19.34
N VAL B 324 18.04 -32.77 19.14
CA VAL B 324 18.61 -32.50 17.81
C VAL B 324 18.87 -33.83 17.11
N GLY B 325 18.50 -33.91 15.84
CA GLY B 325 18.55 -35.17 15.12
C GLY B 325 17.79 -35.21 13.80
N ASN B 326 17.64 -36.41 13.26
CA ASN B 326 16.94 -36.65 11.99
C ASN B 326 15.49 -36.22 12.14
N PRO B 327 15.01 -35.35 11.25
CA PRO B 327 13.64 -34.83 11.39
C PRO B 327 12.51 -35.84 11.14
N PHE B 328 12.83 -37.03 10.61
CA PHE B 328 11.81 -38.08 10.50
C PHE B 328 11.57 -38.85 11.80
N GLU B 329 12.58 -38.94 12.67
CA GLU B 329 12.38 -39.41 14.05
C GLU B 329 11.28 -38.55 14.68
N LEU B 330 10.10 -39.14 14.91
CA LEU B 330 8.99 -38.46 15.57
C LEU B 330 9.30 -38.26 17.06
N ASP B 331 9.93 -37.12 17.37
CA ASP B 331 10.38 -36.65 18.72
C ASP B 331 11.63 -35.74 18.63
N THR B 332 12.29 -35.76 17.47
CA THR B 332 13.22 -34.69 17.10
C THR B 332 12.55 -33.33 17.22
N GLN B 333 13.11 -32.49 18.07
CA GLN B 333 12.64 -31.11 18.26
C GLN B 333 13.36 -30.12 17.33
N GLN B 334 14.53 -30.51 16.82
CA GLN B 334 15.36 -29.62 16.01
C GLN B 334 16.01 -30.36 14.85
N GLY B 335 15.58 -30.02 13.64
CA GLY B 335 16.24 -30.47 12.40
C GLY B 335 17.51 -29.71 12.09
N PRO B 336 18.06 -29.88 10.87
CA PRO B 336 19.18 -29.06 10.40
C PRO B 336 18.73 -27.69 9.85
N GLN B 337 19.66 -26.73 9.83
CA GLN B 337 19.51 -25.50 9.05
C GLN B 337 19.38 -25.90 7.57
N VAL B 338 18.97 -24.96 6.72
CA VAL B 338 18.42 -25.33 5.41
C VAL B 338 19.45 -25.63 4.30
N ASP B 339 20.61 -24.98 4.34
CA ASP B 339 21.66 -25.22 3.33
C ASP B 339 23.06 -24.86 3.87
N LYS B 340 24.11 -25.04 3.05
CA LYS B 340 25.48 -24.71 3.48
C LYS B 340 25.56 -23.27 3.91
N GLU B 341 25.07 -22.37 3.06
CA GLU B 341 25.20 -20.92 3.30
C GLU B 341 24.55 -20.44 4.61
N GLN B 342 23.36 -20.95 4.94
CA GLN B 342 22.68 -20.55 6.19
C GLN B 342 23.42 -21.06 7.42
N PHE B 343 23.81 -22.33 7.36
CA PHE B 343 24.65 -22.99 8.37
C PHE B 343 25.92 -22.21 8.75
N GLU B 344 26.69 -21.79 7.73
CA GLU B 344 27.94 -21.04 7.97
C GLU B 344 27.69 -19.65 8.52
N ARG B 345 26.60 -19.02 8.05
CA ARG B 345 26.20 -17.70 8.50
C ARG B 345 25.97 -17.71 10.01
N VAL B 346 25.15 -18.66 10.46
CA VAL B 346 24.82 -18.78 11.87
C VAL B 346 26.04 -19.15 12.72
N LEU B 347 26.89 -20.04 12.22
CA LEU B 347 28.17 -20.30 12.90
C LEU B 347 28.99 -19.02 13.07
N GLY B 348 29.05 -18.22 12.00
CA GLY B 348 29.71 -16.91 12.02
C GLY B 348 29.17 -16.01 13.11
N TYR B 349 27.85 -15.97 13.27
CA TYR B 349 27.22 -15.16 14.31
C TYR B 349 27.51 -15.66 15.73
N ILE B 350 27.61 -16.98 15.91
CA ILE B 350 28.01 -17.54 17.21
C ILE B 350 29.40 -17.03 17.58
N GLN B 351 30.36 -17.22 16.68
CA GLN B 351 31.72 -16.70 16.85
C GLN B 351 31.72 -15.21 17.17
N LEU B 352 30.95 -14.45 16.39
CA LEU B 352 30.89 -12.98 16.52
C LEU B 352 30.45 -12.57 17.91
N GLY B 353 29.43 -13.25 18.43
CA GLY B 353 28.95 -13.06 19.80
C GLY B 353 30.02 -13.22 20.86
N GLN B 354 30.89 -14.21 20.68
CA GLN B 354 32.00 -14.43 21.62
C GLN B 354 33.04 -13.29 21.57
N LYS B 355 33.41 -12.84 20.36
CA LYS B 355 34.39 -11.74 20.21
C LYS B 355 33.85 -10.38 20.71
N GLU B 356 32.53 -10.22 20.73
CA GLU B 356 31.91 -8.97 21.21
C GLU B 356 31.80 -8.85 22.73
N GLY B 357 32.03 -9.94 23.46
CA GLY B 357 32.02 -9.93 24.93
C GLY B 357 30.76 -10.50 25.56
N ALA B 358 29.99 -11.28 24.80
CA ALA B 358 28.80 -11.93 25.30
C ALA B 358 29.17 -13.35 25.73
N LYS B 359 28.67 -13.77 26.91
CA LYS B 359 29.04 -15.07 27.50
C LYS B 359 28.31 -16.22 26.84
N LEU B 360 29.05 -17.15 26.24
CA LEU B 360 28.46 -18.36 25.67
C LEU B 360 28.10 -19.29 26.82
N LEU B 361 26.86 -19.74 26.85
CA LEU B 361 26.36 -20.59 27.94
C LEU B 361 26.15 -22.05 27.59
N CYS B 362 25.95 -22.37 26.30
CA CYS B 362 25.80 -23.76 25.87
C CYS B 362 25.89 -23.86 24.37
N GLY B 363 26.00 -25.08 23.86
CA GLY B 363 26.12 -25.35 22.44
C GLY B 363 27.23 -24.53 21.80
N GLY B 364 26.89 -23.82 20.73
CA GLY B 364 27.80 -22.88 20.08
C GLY B 364 28.72 -23.48 19.04
N GLU B 365 28.33 -24.62 18.47
CA GLU B 365 29.11 -25.27 17.43
C GLU B 365 28.26 -26.28 16.69
N ARG B 366 28.82 -26.84 15.62
CA ARG B 366 28.15 -27.89 14.86
C ARG B 366 27.70 -29.04 15.78
N PHE B 367 26.58 -29.66 15.44
CA PHE B 367 26.14 -30.88 16.10
C PHE B 367 26.33 -32.00 15.08
N GLY B 368 27.07 -33.04 15.46
CA GLY B 368 27.31 -34.18 14.58
C GLY B 368 28.29 -33.89 13.45
N GLU B 369 28.19 -34.67 12.38
CA GLU B 369 29.13 -34.60 11.23
C GLU B 369 28.55 -34.80 9.81
N ARG B 370 27.26 -35.10 9.67
CA ARG B 370 26.58 -35.03 8.36
C ARG B 370 25.45 -33.99 8.44
N GLY B 371 25.13 -33.39 7.30
CA GLY B 371 24.10 -32.34 7.22
C GLY B 371 24.55 -31.01 7.80
N PHE B 372 23.57 -30.20 8.21
CA PHE B 372 23.81 -28.81 8.61
C PHE B 372 23.23 -28.51 10.01
N PHE B 373 23.62 -29.30 10.99
CA PHE B 373 23.07 -29.18 12.35
C PHE B 373 23.93 -28.28 13.24
N ILE B 374 23.26 -27.50 14.09
CA ILE B 374 23.93 -26.65 15.07
C ILE B 374 23.36 -26.99 16.45
N LYS B 375 24.21 -26.95 17.48
CA LYS B 375 23.77 -27.17 18.86
C LYS B 375 22.97 -25.94 19.32
N PRO B 376 21.89 -26.14 20.10
CA PRO B 376 21.20 -24.98 20.64
C PRO B 376 22.12 -24.11 21.43
N THR B 377 22.18 -22.84 21.05
CA THR B 377 23.10 -21.89 21.65
C THR B 377 22.31 -20.81 22.38
N VAL B 378 22.76 -20.50 23.60
CA VAL B 378 22.26 -19.37 24.37
C VAL B 378 23.46 -18.51 24.75
N PHE B 379 23.27 -17.18 24.68
CA PHE B 379 24.24 -16.20 25.19
C PHE B 379 23.58 -15.46 26.32
N GLY B 380 24.36 -15.13 27.34
CA GLY B 380 23.94 -14.20 28.40
C GLY B 380 24.76 -12.94 28.37
N GLY B 381 24.33 -11.95 29.17
CA GLY B 381 25.05 -10.68 29.33
C GLY B 381 25.00 -9.76 28.13
N VAL B 382 24.10 -10.04 27.18
CA VAL B 382 24.08 -9.40 25.86
C VAL B 382 23.68 -7.94 26.02
N GLN B 383 24.29 -7.07 25.22
CA GLN B 383 24.03 -5.62 25.22
C GLN B 383 23.42 -5.22 23.88
N ASP B 384 22.70 -4.10 23.88
CA ASP B 384 21.98 -3.62 22.68
C ASP B 384 22.90 -3.19 21.55
N ASP B 385 24.08 -2.66 21.90
CA ASP B 385 25.10 -2.29 20.88
C ASP B 385 25.73 -3.48 20.09
N MET B 386 25.64 -4.70 20.61
CA MET B 386 26.26 -5.84 19.95
C MET B 386 25.55 -6.18 18.63
N ARG B 387 26.32 -6.68 17.67
CA ARG B 387 25.80 -7.05 16.36
C ARG B 387 24.81 -8.23 16.45
N ILE B 388 25.05 -9.14 17.38
CA ILE B 388 24.11 -10.24 17.61
C ILE B 388 22.76 -9.76 18.19
N ALA B 389 22.77 -8.60 18.88
CA ALA B 389 21.56 -7.93 19.32
C ALA B 389 20.78 -7.19 18.22
N LYS B 390 21.47 -6.72 17.17
CA LYS B 390 20.87 -5.89 16.12
C LYS B 390 20.48 -6.67 14.85
N GLU B 391 21.27 -7.67 14.46
CA GLU B 391 21.12 -8.33 13.16
C GLU B 391 20.30 -9.62 13.29
N GLU B 392 19.53 -9.92 12.24
CA GLU B 392 18.69 -11.12 12.20
C GLU B 392 19.59 -12.34 11.98
N ILE B 393 19.91 -13.05 13.06
CA ILE B 393 20.73 -14.28 12.99
C ILE B 393 20.04 -15.40 12.22
N PHE B 394 18.74 -15.60 12.47
CA PHE B 394 17.91 -16.58 11.75
C PHE B 394 18.41 -18.03 11.94
N GLY B 395 18.67 -18.39 13.20
CA GLY B 395 19.15 -19.72 13.57
C GLY B 395 19.10 -19.94 15.07
N PRO B 396 19.65 -21.07 15.56
CA PRO B 396 19.42 -21.48 16.96
C PRO B 396 20.25 -20.74 18.02
N VAL B 397 20.12 -19.41 18.07
CA VAL B 397 20.88 -18.60 19.02
C VAL B 397 19.92 -17.70 19.80
N GLN B 398 19.92 -17.83 21.14
CA GLN B 398 19.04 -17.08 22.00
C GLN B 398 19.83 -16.11 22.86
N PRO B 399 19.83 -14.82 22.49
CA PRO B 399 20.43 -13.81 23.36
C PRO B 399 19.52 -13.38 24.51
N LEU B 400 20.11 -13.26 25.69
CA LEU B 400 19.41 -12.86 26.90
C LEU B 400 19.85 -11.47 27.31
N PHE B 401 18.89 -10.63 27.69
CA PHE B 401 19.13 -9.28 28.08
C PHE B 401 18.51 -9.06 29.45
N LYS B 402 18.99 -8.04 30.15
CA LYS B 402 18.59 -7.73 31.51
C LYS B 402 18.03 -6.34 31.52
N PHE B 403 16.89 -6.16 32.17
CA PHE B 403 16.30 -4.82 32.30
C PHE B 403 15.78 -4.60 33.71
N LYS B 404 15.72 -3.33 34.13
CA LYS B 404 15.14 -2.93 35.42
C LYS B 404 13.72 -2.39 35.22
N LYS B 405 13.56 -1.29 34.48
CA LYS B 405 12.27 -0.56 34.40
C LYS B 405 11.42 -0.90 33.17
N ILE B 406 10.11 -0.66 33.30
CA ILE B 406 9.15 -0.76 32.20
C ILE B 406 9.56 0.18 31.05
N GLU B 407 9.82 1.43 31.38
CA GLU B 407 10.05 2.46 30.36
C GLU B 407 11.35 2.19 29.57
N GLU B 408 12.33 1.60 30.25
CA GLU B 408 13.61 1.23 29.68
C GLU B 408 13.47 0.12 28.64
N VAL B 409 12.77 -0.94 29.01
CA VAL B 409 12.62 -2.09 28.11
C VAL B 409 11.73 -1.81 26.91
N VAL B 410 10.76 -0.88 27.01
CA VAL B 410 10.00 -0.49 25.82
C VAL B 410 10.90 0.23 24.84
N GLU B 411 11.68 1.21 25.34
CA GLU B 411 12.63 1.97 24.51
C GLU B 411 13.59 0.99 23.80
N ARG B 412 14.10 0.01 24.53
CA ARG B 412 15.10 -0.91 23.99
C ARG B 412 14.50 -1.96 23.05
N ALA B 413 13.29 -2.42 23.36
CA ALA B 413 12.57 -3.35 22.46
C ALA B 413 12.21 -2.67 21.15
N ASN B 414 11.80 -1.41 21.24
CA ASN B 414 11.48 -0.60 20.06
C ASN B 414 12.67 0.00 19.33
N ASN B 415 13.85 0.05 19.97
CA ASN B 415 15.03 0.64 19.34
C ASN B 415 15.61 -0.31 18.30
N THR B 416 15.00 -0.31 17.13
CA THR B 416 15.39 -1.21 16.06
C THR B 416 14.66 -0.74 14.81
N ARG B 417 15.22 -1.05 13.65
CA ARG B 417 14.55 -0.78 12.39
C ARG B 417 13.41 -1.77 12.17
N TYR B 418 13.40 -2.87 12.94
CA TYR B 418 12.40 -3.91 12.83
C TYR B 418 11.16 -3.67 13.72
N GLY B 419 10.12 -4.43 13.41
CA GLY B 419 8.87 -4.38 14.17
C GLY B 419 7.85 -5.37 13.66
N LEU B 420 8.28 -6.63 13.50
CA LEU B 420 7.37 -7.69 13.06
C LEU B 420 6.52 -8.15 14.24
N ALA B 421 7.16 -8.38 15.39
CA ALA B 421 6.46 -8.93 16.54
C ALA B 421 7.10 -8.55 17.84
N ALA B 422 6.36 -8.80 18.92
CA ALA B 422 6.83 -8.67 20.29
C ALA B 422 5.87 -9.44 21.22
N ALA B 423 6.31 -9.64 22.45
CA ALA B 423 5.53 -10.40 23.43
C ALA B 423 5.88 -9.98 24.83
N VAL B 424 4.89 -10.05 25.71
CA VAL B 424 5.05 -9.76 27.14
C VAL B 424 4.56 -10.96 27.93
N PHE B 425 5.23 -11.21 29.05
CA PHE B 425 4.82 -12.21 30.00
C PHE B 425 4.64 -11.50 31.33
N THR B 426 3.41 -11.55 31.83
CA THR B 426 3.02 -10.89 33.05
C THR B 426 1.64 -11.42 33.46
N ARG B 427 1.35 -11.27 34.74
CA ARG B 427 0.04 -11.60 35.30
C ARG B 427 -0.84 -10.35 35.50
N ASP B 428 -0.22 -9.17 35.41
CA ASP B 428 -0.84 -7.89 35.74
C ASP B 428 -1.66 -7.33 34.56
N LEU B 429 -2.93 -7.00 34.81
CA LEU B 429 -3.80 -6.40 33.81
C LEU B 429 -3.22 -5.10 33.25
N ASP B 430 -2.90 -4.16 34.13
CA ASP B 430 -2.42 -2.84 33.70
C ASP B 430 -1.14 -2.89 32.91
N LYS B 431 -0.20 -3.71 33.35
CA LYS B 431 1.07 -3.83 32.63
C LYS B 431 0.85 -4.45 31.25
N ALA B 432 0.03 -5.48 31.13
CA ALA B 432 -0.27 -6.07 29.81
C ALA B 432 -0.89 -5.03 28.86
N MET B 433 -1.87 -4.28 29.36
CA MET B 433 -2.55 -3.28 28.53
C MET B 433 -1.62 -2.18 28.06
N TYR B 434 -0.60 -1.84 28.86
CA TYR B 434 0.36 -0.80 28.48
C TYR B 434 1.31 -1.29 27.39
N PHE B 435 1.83 -2.50 27.54
CA PHE B 435 2.76 -3.04 26.53
C PHE B 435 2.08 -3.26 25.19
N THR B 436 0.83 -3.68 25.18
CA THR B 436 0.13 -3.91 23.90
C THR B 436 0.03 -2.62 23.09
N GLN B 437 0.01 -1.46 23.77
CA GLN B 437 0.06 -0.15 23.12
C GLN B 437 1.48 0.26 22.77
N ALA B 438 2.39 0.06 23.71
CA ALA B 438 3.71 0.67 23.67
C ALA B 438 4.69 0.01 22.72
N LEU B 439 4.57 -1.30 22.51
CA LEU B 439 5.50 -2.03 21.63
C LEU B 439 5.16 -1.77 20.18
N GLN B 440 6.19 -1.52 19.38
CA GLN B 440 6.03 -1.18 17.97
C GLN B 440 6.26 -2.39 17.10
N ALA B 441 5.19 -3.17 16.96
CA ALA B 441 5.23 -4.38 16.16
C ALA B 441 3.83 -4.71 15.70
N GLY B 442 3.75 -5.38 14.56
CA GLY B 442 2.48 -5.69 13.94
C GLY B 442 1.66 -6.75 14.66
N THR B 443 2.33 -7.55 15.50
CA THR B 443 1.67 -8.49 16.39
C THR B 443 2.29 -8.41 17.75
N VAL B 444 1.46 -8.19 18.78
CA VAL B 444 1.91 -8.30 20.16
C VAL B 444 1.18 -9.45 20.87
N TRP B 445 1.97 -10.40 21.38
CA TRP B 445 1.45 -11.51 22.18
C TRP B 445 1.56 -11.21 23.67
N VAL B 446 0.59 -11.71 24.44
CA VAL B 446 0.62 -11.60 25.89
C VAL B 446 0.52 -13.03 26.45
N ASN B 447 1.56 -13.43 27.18
CA ASN B 447 1.68 -14.77 27.77
C ASN B 447 1.57 -15.90 26.75
N THR B 448 2.01 -15.66 25.52
CA THR B 448 2.12 -16.72 24.54
C THR B 448 3.07 -16.19 23.49
N TYR B 449 3.37 -17.01 22.48
CA TYR B 449 4.26 -16.60 21.38
C TYR B 449 3.97 -17.45 20.13
N ASN B 450 4.13 -16.83 18.96
CA ASN B 450 4.04 -17.49 17.64
C ASN B 450 2.63 -17.90 17.20
N ILE B 451 1.62 -17.35 17.87
CA ILE B 451 0.24 -17.71 17.57
C ILE B 451 -0.21 -16.83 16.42
N VAL B 452 0.09 -17.30 15.21
CA VAL B 452 -0.29 -16.67 13.97
C VAL B 452 -1.14 -17.68 13.22
N THR B 453 -2.40 -17.33 12.98
CA THR B 453 -3.28 -18.24 12.29
C THR B 453 -3.94 -17.52 11.14
N CYS B 454 -4.79 -18.26 10.43
CA CYS B 454 -5.47 -17.71 9.26
C CYS B 454 -6.32 -16.47 9.57
N HIS B 455 -6.74 -16.32 10.84
CA HIS B 455 -7.60 -15.20 11.27
C HIS B 455 -6.84 -13.93 11.66
N THR B 456 -5.54 -14.02 11.92
CA THR B 456 -4.78 -12.95 12.58
C THR B 456 -3.94 -12.14 11.59
N PRO B 457 -4.30 -10.87 11.37
CA PRO B 457 -3.49 -10.05 10.50
C PRO B 457 -2.02 -10.08 10.96
N PHE B 458 -1.11 -10.27 10.01
CA PHE B 458 0.29 -10.42 10.30
C PHE B 458 1.14 -9.52 9.38
N GLY B 459 2.03 -8.75 9.99
CA GLY B 459 2.99 -7.98 9.22
C GLY B 459 3.76 -6.99 10.05
N GLY B 460 4.61 -6.23 9.40
CA GLY B 460 5.60 -5.43 10.10
C GLY B 460 5.26 -3.97 10.23
N PHE B 461 5.68 -3.40 11.35
CA PHE B 461 5.96 -1.97 11.46
C PHE B 461 7.34 -1.71 10.85
N LYS B 462 7.62 -0.43 10.57
CA LYS B 462 8.89 0.07 10.05
C LYS B 462 9.44 -0.85 8.94
N GLU B 463 10.71 -1.28 9.02
CA GLU B 463 11.30 -2.05 7.94
C GLU B 463 11.01 -3.54 8.03
N SER B 464 10.11 -3.97 8.92
CA SER B 464 9.62 -5.36 8.87
C SER B 464 8.46 -5.55 7.86
N GLY B 465 7.92 -4.48 7.29
CA GLY B 465 6.98 -4.63 6.19
C GLY B 465 6.14 -3.44 5.78
N ASN B 466 5.37 -3.66 4.71
CA ASN B 466 4.31 -2.77 4.20
C ASN B 466 3.06 -3.63 4.05
N GLY B 467 1.97 -3.24 4.70
CA GLY B 467 0.70 -3.97 4.61
C GLY B 467 0.65 -5.17 5.51
N ARG B 468 -0.47 -5.89 5.43
CA ARG B 468 -0.76 -7.03 6.27
C ARG B 468 -1.22 -8.21 5.45
N GLU B 469 -0.93 -9.42 5.94
CA GLU B 469 -1.48 -10.65 5.38
C GLU B 469 -2.32 -11.33 6.46
N LEU B 470 -3.17 -12.26 6.01
CA LEU B 470 -4.06 -13.07 6.87
C LEU B 470 -5.23 -12.27 7.44
N GLY B 471 -6.28 -12.97 7.86
CA GLY B 471 -7.51 -12.32 8.31
C GLY B 471 -8.20 -11.53 7.21
N GLU B 472 -9.27 -10.84 7.59
CA GLU B 472 -9.98 -9.91 6.69
C GLU B 472 -9.07 -8.82 6.15
N ASP B 473 -8.16 -8.34 6.99
CA ASP B 473 -7.25 -7.25 6.62
C ASP B 473 -6.31 -7.62 5.47
N GLY B 474 -5.95 -8.90 5.36
CA GLY B 474 -5.15 -9.42 4.24
C GLY B 474 -5.80 -9.37 2.87
N LEU B 475 -7.11 -9.16 2.81
CA LEU B 475 -7.81 -9.05 1.52
C LEU B 475 -7.63 -7.70 0.83
N LYS B 476 -7.28 -6.67 1.60
CA LYS B 476 -7.21 -5.28 1.10
C LYS B 476 -6.14 -5.07 0.04
N ALA B 477 -4.98 -5.70 0.25
CA ALA B 477 -3.88 -5.62 -0.72
C ALA B 477 -4.23 -6.31 -2.06
N TYR B 478 -5.17 -7.26 -2.03
CA TYR B 478 -5.56 -7.98 -3.25
C TYR B 478 -6.81 -7.43 -3.92
N THR B 479 -7.18 -6.20 -3.53
CA THR B 479 -8.38 -5.52 -3.99
C THR B 479 -8.01 -4.21 -4.71
N GLU B 480 -8.54 -3.99 -5.92
CA GLU B 480 -8.58 -2.65 -6.54
C GLU B 480 -10.00 -2.09 -6.36
N VAL B 481 -10.10 -0.98 -5.64
CA VAL B 481 -11.40 -0.40 -5.33
C VAL B 481 -11.82 0.46 -6.53
N LYS B 482 -13.04 0.22 -7.00
CA LYS B 482 -13.65 1.08 -8.01
C LYS B 482 -14.87 1.76 -7.42
N THR B 483 -14.91 3.07 -7.48
CA THR B 483 -16.10 3.81 -7.14
C THR B 483 -16.97 4.02 -8.39
N VAL B 484 -18.26 3.73 -8.26
CA VAL B 484 -19.24 3.95 -9.32
C VAL B 484 -20.29 4.97 -8.84
N THR B 485 -20.37 6.09 -9.54
CA THR B 485 -21.24 7.21 -9.20
C THR B 485 -22.19 7.57 -10.36
N ILE B 486 -23.48 7.41 -10.12
CA ILE B 486 -24.49 7.44 -11.17
C ILE B 486 -25.49 8.54 -10.84
N LYS B 487 -25.74 9.47 -11.78
CA LYS B 487 -26.86 10.40 -11.71
C LYS B 487 -28.16 9.62 -11.56
N VAL B 488 -28.99 10.01 -10.59
CA VAL B 488 -30.34 9.46 -10.45
C VAL B 488 -31.34 10.62 -10.54
N PRO B 489 -32.60 10.31 -10.88
CA PRO B 489 -33.54 11.41 -11.11
C PRO B 489 -33.94 12.10 -9.80
N GLN B 490 -34.16 11.30 -8.78
CA GLN B 490 -34.43 11.83 -7.46
C GLN B 490 -33.82 10.92 -6.40
N LYS B 491 -33.06 11.50 -5.48
CA LYS B 491 -32.48 10.75 -4.37
C LYS B 491 -33.41 10.80 -3.20
N ASN B 492 -33.72 9.63 -2.65
CA ASN B 492 -34.33 9.50 -1.35
C ASN B 492 -33.49 8.62 -0.46
N SER B 493 -33.56 8.91 0.84
CA SER B 493 -32.72 8.27 1.84
C SER B 493 -33.08 6.78 2.04
PA NAD C . 4.45 17.46 -10.07
O1A NAD C . 4.70 15.99 -10.24
O2A NAD C . 5.41 18.28 -10.87
O5B NAD C . 4.56 18.06 -8.59
C5B NAD C . 3.67 17.71 -7.56
C4B NAD C . 4.29 18.07 -6.22
O4B NAD C . 5.47 17.27 -6.05
C3B NAD C . 4.74 19.52 -6.14
O3B NAD C . 4.63 20.04 -4.81
C2B NAD C . 6.20 19.47 -6.53
O2B NAD C . 6.96 20.50 -5.94
C1B NAD C . 6.63 18.11 -6.01
N9A NAD C . 7.77 17.50 -6.72
C8A NAD C . 8.26 17.72 -7.96
N7A NAD C . 9.36 16.93 -8.19
C5A NAD C . 9.57 16.19 -7.08
C6A NAD C . 10.50 15.23 -6.67
N6A NAD C . 11.50 14.80 -7.47
N1A NAD C . 10.39 14.71 -5.43
C2A NAD C . 9.40 15.09 -4.59
N3A NAD C . 8.48 16.01 -4.90
C4A NAD C . 8.53 16.59 -6.13
O3 NAD C . 3.00 17.72 -10.65
PN NAD C . 2.18 19.06 -10.67
O1N NAD C . 2.57 20.07 -9.62
O2N NAD C . 2.61 19.61 -12.00
O5D NAD C . 0.60 18.79 -10.73
C5D NAD C . 0.01 18.22 -11.89
C4D NAD C . 0.01 16.72 -11.78
O4D NAD C . -0.67 16.29 -10.58
C3D NAD C . -0.78 16.15 -12.93
O3D NAD C . -0.13 15.00 -13.44
C2D NAD C . -2.13 15.82 -12.33
O2D NAD C . -2.83 14.83 -13.08
C1D NAD C . -1.72 15.38 -10.95
N1N NAD C . -2.85 15.39 -9.99
C2N NAD C . -3.35 14.23 -9.52
C3N NAD C . -4.43 14.21 -8.64
C7N NAD C . -5.03 12.96 -8.07
O7N NAD C . -5.62 13.03 -7.00
N7N NAD C . -4.92 11.78 -8.65
C4N NAD C . -4.96 15.44 -8.21
C5N NAD C . -4.42 16.63 -8.69
C6N NAD C . -3.36 16.57 -9.58
C30 ZGJ D . -13.53 21.07 -5.77
O29 ZGJ D . -13.97 20.32 -6.91
C11 ZGJ D . -13.34 19.26 -7.54
C10 ZGJ D . -12.02 18.89 -7.26
C9 ZGJ D . -11.44 17.81 -7.92
C8 ZGJ D . -12.18 17.10 -8.86
C7 ZGJ D . -13.51 17.44 -9.12
C6 ZGJ D . -14.08 18.52 -8.47
C5 ZGJ D . -15.50 18.84 -8.79
C1 ZGJ D . -15.95 19.31 -10.02
N4 ZGJ D . -16.57 18.71 -7.95
C28 ZGJ D . -16.45 18.21 -6.57
C27 ZGJ D . -17.63 18.44 -5.65
C26 ZGJ D . -18.90 17.82 -6.19
C25 ZGJ D . -19.64 18.85 -7.04
N24 ZGJ D . -18.95 19.16 -8.30
C3 ZGJ D . -17.64 19.10 -8.67
N2 ZGJ D . -17.27 19.45 -9.90
C12 ZGJ D . -18.05 19.92 -10.90
C17 ZGJ D . -19.12 19.19 -11.44
C16 ZGJ D . -19.94 19.67 -12.46
C15 ZGJ D . -19.72 20.92 -13.03
C14 ZGJ D . -18.65 21.68 -12.51
C13 ZGJ D . -17.85 21.18 -11.49
C18 ZGJ D . -20.62 21.45 -14.12
C23 ZGJ D . -20.91 22.84 -14.18
C22 ZGJ D . -21.73 23.36 -15.18
C21 ZGJ D . -22.31 22.51 -16.12
C20 ZGJ D . -22.05 21.13 -16.06
C19 ZGJ D . -21.20 20.60 -15.07
NA NA E . 1.21 31.61 -8.25
C1 EDO F . -17.06 35.13 4.35
O1 EDO F . -15.85 34.83 5.09
C2 EDO F . -18.08 36.04 5.07
O2 EDO F . -17.94 37.42 4.71
C1 EDO G . -19.21 32.62 -34.13
O1 EDO G . -20.14 31.99 -33.21
C2 EDO G . -18.29 33.62 -33.42
O2 EDO G . -16.97 33.74 -34.01
C1 EDO H . -13.96 28.49 -35.60
O1 EDO H . -15.25 27.93 -35.90
C2 EDO H . -13.75 29.83 -36.31
O2 EDO H . -13.98 30.95 -35.43
C1 EDO I . -10.05 28.73 -35.85
O1 EDO I . -9.64 27.46 -36.36
C2 EDO I . -9.27 29.08 -34.58
O2 EDO I . -9.53 30.41 -34.12
PA NAD J . 15.51 -13.72 0.47
O1A NAD J . 15.20 -12.24 0.63
O2A NAD J . 17.00 -13.83 0.19
O5B NAD J . 14.68 -14.35 -0.73
C5B NAD J . 13.29 -14.61 -0.54
C4B NAD J . 12.62 -14.82 -1.88
O4B NAD J . 12.92 -13.71 -2.73
C3B NAD J . 13.16 -16.03 -2.58
O3B NAD J . 12.13 -16.47 -3.48
C2B NAD J . 14.36 -15.49 -3.33
O2B NAD J . 14.74 -16.30 -4.44
C1B NAD J . 13.80 -14.14 -3.75
N9A NAD J . 14.81 -13.10 -4.05
C8A NAD J . 16.08 -12.93 -3.62
N7A NAD J . 16.63 -11.82 -4.20
C5A NAD J . 15.73 -11.26 -5.02
C6A NAD J . 15.67 -10.15 -5.84
N6A NAD J . 16.71 -9.31 -6.00
N1A NAD J . 14.52 -9.92 -6.50
C2A NAD J . 13.44 -10.71 -6.39
N3A NAD J . 13.43 -11.80 -5.60
C4A NAD J . 14.54 -12.12 -4.90
O3 NAD J . 14.97 -14.56 1.67
PN NAD J . 15.56 -15.69 2.60
O1N NAD J . 16.41 -16.79 2.09
O2N NAD J . 16.57 -14.87 3.38
O5D NAD J . 14.35 -16.12 3.55
C5D NAD J . 14.31 -15.68 4.93
C4D NAD J . 13.92 -14.21 5.11
O4D NAD J . 12.50 -14.07 4.93
C3D NAD J . 14.18 -13.73 6.54
O3D NAD J . 14.66 -12.38 6.56
C2D NAD J . 12.83 -13.90 7.20
O2D NAD J . 12.66 -13.11 8.39
C1D NAD J . 11.87 -13.52 6.10
N1N NAD J . 10.50 -14.02 6.30
C2N NAD J . 9.48 -13.13 6.52
C3N NAD J . 8.17 -13.59 6.72
C7N NAD J . 6.99 -12.69 6.98
O7N NAD J . 5.89 -13.05 6.64
N7N NAD J . 7.14 -11.53 7.61
C4N NAD J . 7.92 -14.97 6.67
C5N NAD J . 8.97 -15.84 6.44
C6N NAD J . 10.25 -15.35 6.26
C30 ZGJ K . 2.48 -22.98 10.95
O29 ZGJ K . 3.25 -22.45 12.04
C11 ZGJ K . 3.78 -21.17 12.09
C10 ZGJ K . 4.22 -20.50 10.94
C9 ZGJ K . 4.77 -19.22 11.02
C8 ZGJ K . 4.89 -18.61 12.27
C7 ZGJ K . 4.45 -19.27 13.42
C6 ZGJ K . 3.90 -20.55 13.35
C5 ZGJ K . 3.44 -21.22 14.62
C1 ZGJ K . 4.29 -21.61 15.67
N4 ZGJ K . 2.16 -21.55 14.95
C28 ZGJ K . 1.00 -21.31 14.07
C27 ZGJ K . -0.33 -21.26 14.80
C26 ZGJ K . -0.71 -22.63 15.35
C25 ZGJ K . -0.25 -22.76 16.80
N24 ZGJ K . 1.21 -22.63 16.95
C3 ZGJ K . 2.24 -22.13 16.16
N2 ZGJ K . 3.51 -22.14 16.60
C12 ZGJ K . 3.90 -22.66 17.80
C17 ZGJ K . 3.47 -22.17 19.04
C16 ZGJ K . 3.84 -22.71 20.28
C15 ZGJ K . 4.68 -23.81 20.35
C14 ZGJ K . 5.15 -24.33 19.13
C13 ZGJ K . 4.76 -23.77 17.90
C18 ZGJ K . 5.10 -24.43 21.66
C23 ZGJ K . 5.33 -25.81 21.75
C22 ZGJ K . 5.73 -26.41 22.96
C21 ZGJ K . 5.90 -25.62 24.09
C20 ZGJ K . 5.69 -24.23 24.02
C19 ZGJ K . 5.29 -23.65 22.82
NA NA L . 16.48 -28.26 -0.24
C1 EDO M . -5.58 -1.84 24.40
O1 EDO M . -4.48 -2.55 23.80
C2 EDO M . -5.11 -0.64 25.23
O2 EDO M . -5.87 0.56 25.02
C1 EDO N . -27.86 4.33 0.15
O1 EDO N . -27.85 3.33 1.19
C2 EDO N . -28.79 5.50 0.55
O2 EDO N . -28.85 6.54 -0.45
C1 EDO O . -41.49 11.86 -6.12
O1 EDO O . -41.05 10.60 -5.59
C2 EDO O . -42.14 12.70 -5.03
O2 EDO O . -41.79 14.09 -5.12
C1 EDO P . -32.47 15.62 -12.60
O1 EDO P . -31.41 15.77 -11.62
C2 EDO P . -32.22 16.54 -13.80
O2 EDO P . -31.04 17.33 -13.56
#